data_5RM2
#
_entry.id   5RM2
#
_cell.length_a   58.992
_cell.length_b   70.150
_cell.length_c   85.128
_cell.angle_alpha   102.340
_cell.angle_beta   96.210
_cell.angle_gamma   112.560
#
_symmetry.space_group_name_H-M   'P 1'
#
loop_
_entity.id
_entity.type
_entity.pdbx_description
1 polymer Helicase
2 non-polymer 'ZINC ION'
3 non-polymer 'PHOSPHATE ION'
4 non-polymer 1-(diphenylmethyl)azetidin-3-ol
5 water water
#
_entity_poly.entity_id   1
_entity_poly.type   'polypeptide(L)'
_entity_poly.pdbx_seq_one_letter_code
;AVGACVLCNSQTSLRCGACIRRPFLCCKCCYDHVISTSHKLVLSVNPYVCNAPGCDVTDVTQLYLGGMSYYCKSHKPPIS
FPLCANGQVFGLYKNTCVGSDNVTDFNAIATCDWTNAGDYILANTCTERLKLFAAETLKATEETFKLSYGIATVREVLSD
RELHLSWEVGKPRPPLNRNYVFTGYRVTKNSKVQIGEYTFEKGDYGDAVVYRGTTTYKLNVGDYFVLTSHTVMPLSAPTL
VPQEHYVRITGLYPTLNISDEFSSNVANYQKVGMQKYSTLQGPPGTGKSHFAIGLALYYPSARIVYTACSHAAVDALCEK
ALKYLPIDKCSRIIPARARVECFDKFKVNSTLEQYVFCTVNALPETTADIVVFDEISMATNYDLSVVNARLRAKHYVYIG
DPAQLPAPRTLLTKGTLEPEYFNSVCRLMKTIGPDMFLGTCRRCPAEIVDTVSALVYDNKLKAHKDKSAQCFKMFYKGVI
THDVSSAINRPQIGVVREFLTRNPAWRKAVFISPYNSQNAVASKILGLPTQTVDSSQGSEYDYVIFTQTTETAHSCNVNR
FNVAITRAKVGILCIMSDRDLYDKLQFTSLEIPRRNVATLQ
;
_entity_poly.pdbx_strand_id   A,B
#
# COMPACT_ATOMS: atom_id res chain seq x y z
N ALA A 1 2.90 -11.47 -24.07
CA ALA A 1 3.41 -12.87 -24.06
C ALA A 1 4.83 -12.96 -24.67
N VAL A 2 5.64 -11.90 -24.53
CA VAL A 2 7.07 -11.88 -24.96
C VAL A 2 7.92 -11.33 -23.81
N GLY A 3 8.46 -12.22 -22.97
CA GLY A 3 9.29 -11.90 -21.80
C GLY A 3 10.65 -12.55 -21.88
N ALA A 4 11.38 -12.58 -20.76
CA ALA A 4 12.78 -13.06 -20.66
C ALA A 4 12.82 -14.43 -19.96
N CYS A 5 13.73 -15.30 -20.41
CA CYS A 5 13.91 -16.69 -19.93
C CYS A 5 14.45 -16.70 -18.49
N VAL A 6 13.74 -17.36 -17.56
CA VAL A 6 14.10 -17.40 -16.11
C VAL A 6 15.42 -18.14 -15.89
N LEU A 7 15.99 -18.82 -16.89
CA LEU A 7 17.26 -19.58 -16.71
C LEU A 7 18.45 -18.82 -17.31
N CYS A 8 18.34 -18.34 -18.56
CA CYS A 8 19.46 -17.73 -19.33
C CYS A 8 19.10 -16.33 -19.88
N ASN A 9 17.89 -15.84 -19.61
CA ASN A 9 17.47 -14.43 -19.85
C ASN A 9 17.02 -14.23 -21.31
N SER A 10 17.54 -15.04 -22.27
CA SER A 10 17.21 -14.94 -23.72
C SER A 10 15.72 -14.59 -23.86
N GLN A 11 15.39 -13.62 -24.71
CA GLN A 11 13.97 -13.25 -25.00
C GLN A 11 13.26 -14.48 -25.58
N THR A 12 11.94 -14.62 -25.39
CA THR A 12 11.13 -15.72 -25.99
C THR A 12 9.64 -15.42 -25.93
N SER A 13 8.87 -16.18 -26.71
CA SER A 13 7.39 -16.20 -26.73
C SER A 13 6.87 -17.35 -25.86
N LEU A 14 7.77 -18.24 -25.38
CA LEU A 14 7.38 -19.52 -24.71
C LEU A 14 7.38 -19.36 -23.18
N ARG A 15 6.23 -19.62 -22.57
CA ARG A 15 6.04 -19.93 -21.13
C ARG A 15 5.83 -21.45 -20.99
N CYS A 16 6.01 -22.01 -19.79
CA CYS A 16 5.56 -23.40 -19.47
C CYS A 16 4.19 -23.34 -18.83
N GLY A 17 3.18 -23.88 -19.51
CA GLY A 17 1.77 -23.88 -19.07
C GLY A 17 1.54 -24.87 -17.93
N ALA A 18 2.51 -25.73 -17.62
CA ALA A 18 2.37 -26.79 -16.59
C ALA A 18 2.93 -26.28 -15.27
N CYS A 19 4.09 -25.59 -15.27
CA CYS A 19 4.56 -24.75 -14.12
C CYS A 19 3.41 -23.87 -13.61
N ILE A 20 3.21 -23.77 -12.29
CA ILE A 20 2.08 -22.99 -11.70
C ILE A 20 2.38 -21.50 -11.82
N ARG A 21 3.66 -21.11 -11.95
CA ARG A 21 4.07 -19.69 -12.11
C ARG A 21 4.20 -19.31 -13.59
N ARG A 22 4.09 -20.28 -14.51
CA ARG A 22 4.13 -20.07 -15.99
C ARG A 22 5.35 -19.23 -16.38
N PRO A 23 6.57 -19.68 -16.03
CA PRO A 23 7.78 -18.92 -16.36
C PRO A 23 8.06 -18.92 -17.86
N PHE A 24 8.47 -17.76 -18.39
CA PHE A 24 9.11 -17.58 -19.72
C PHE A 24 10.35 -18.48 -19.76
N LEU A 25 10.39 -19.41 -20.73
CA LEU A 25 11.56 -20.26 -21.05
C LEU A 25 11.97 -20.00 -22.50
N CYS A 26 13.28 -19.91 -22.77
CA CYS A 26 13.83 -19.76 -24.14
C CYS A 26 13.68 -21.09 -24.86
N CYS A 27 13.86 -21.10 -26.18
CA CYS A 27 13.78 -22.29 -27.06
C CYS A 27 14.67 -23.42 -26.51
N LYS A 28 15.91 -23.14 -26.13
CA LYS A 28 16.88 -24.17 -25.65
C LYS A 28 16.43 -24.70 -24.28
N CYS A 29 16.13 -23.81 -23.33
CA CYS A 29 15.80 -24.15 -21.93
C CYS A 29 14.39 -24.79 -21.85
N CYS A 30 13.42 -24.30 -22.64
CA CYS A 30 12.04 -24.86 -22.72
C CYS A 30 12.07 -26.33 -23.15
N TYR A 31 12.94 -26.67 -24.11
CA TYR A 31 13.12 -28.06 -24.60
C TYR A 31 13.59 -28.92 -23.42
N ASP A 32 14.71 -28.52 -22.81
CA ASP A 32 15.41 -29.31 -21.76
C ASP A 32 14.48 -29.52 -20.56
N HIS A 33 13.50 -28.62 -20.36
CA HIS A 33 12.40 -28.75 -19.35
C HIS A 33 11.39 -29.82 -19.80
N VAL A 34 10.81 -29.68 -21.00
CA VAL A 34 9.65 -30.50 -21.45
C VAL A 34 10.10 -31.94 -21.72
N ILE A 35 11.34 -32.13 -22.16
CA ILE A 35 11.83 -33.51 -22.51
C ILE A 35 12.15 -34.29 -21.23
N SER A 36 12.37 -33.62 -20.09
CA SER A 36 12.91 -34.23 -18.85
C SER A 36 11.89 -34.25 -17.71
N THR A 37 10.73 -33.61 -17.85
CA THR A 37 9.66 -33.57 -16.81
C THR A 37 8.30 -33.96 -17.41
N SER A 38 7.27 -34.12 -16.57
CA SER A 38 5.88 -34.38 -17.02
C SER A 38 5.26 -33.10 -17.61
N HIS A 39 6.04 -32.02 -17.70
CA HIS A 39 5.58 -30.69 -18.16
C HIS A 39 5.71 -30.65 -19.69
N LYS A 40 4.58 -30.65 -20.40
CA LYS A 40 4.58 -30.70 -21.89
C LYS A 40 3.82 -29.49 -22.46
N LEU A 41 2.82 -28.94 -21.77
CA LEU A 41 2.09 -27.74 -22.27
C LEU A 41 3.04 -26.54 -22.33
N VAL A 42 3.29 -26.03 -23.54
CA VAL A 42 4.11 -24.82 -23.83
C VAL A 42 3.18 -23.74 -24.38
N LEU A 43 2.97 -22.65 -23.64
CA LEU A 43 2.16 -21.49 -24.09
C LEU A 43 3.06 -20.56 -24.92
N SER A 44 2.46 -19.85 -25.89
CA SER A 44 3.06 -18.75 -26.68
C SER A 44 2.04 -17.62 -26.79
N VAL A 45 1.98 -16.90 -27.91
CA VAL A 45 0.87 -15.95 -28.24
C VAL A 45 -0.42 -16.76 -28.18
N ASN A 46 -0.38 -17.94 -28.82
CA ASN A 46 -1.42 -19.00 -28.80
C ASN A 46 -0.81 -20.18 -28.04
N PRO A 47 -1.61 -21.09 -27.47
CA PRO A 47 -1.05 -22.30 -26.86
C PRO A 47 -0.56 -23.27 -27.94
N TYR A 48 0.48 -24.06 -27.65
CA TYR A 48 0.98 -25.17 -28.49
C TYR A 48 0.08 -26.39 -28.31
N VAL A 49 -1.02 -26.40 -29.06
CA VAL A 49 -2.07 -27.45 -29.09
C VAL A 49 -2.34 -27.77 -30.57
N CYS A 50 -2.91 -28.93 -30.89
CA CYS A 50 -3.26 -29.32 -32.26
C CYS A 50 -4.39 -28.43 -32.75
N ASN A 51 -4.17 -27.72 -33.85
CA ASN A 51 -5.11 -26.70 -34.39
C ASN A 51 -6.28 -27.42 -35.07
N ALA A 52 -6.10 -28.69 -35.44
CA ALA A 52 -7.13 -29.55 -36.07
C ALA A 52 -8.38 -29.59 -35.20
N PRO A 53 -9.59 -29.49 -35.77
CA PRO A 53 -10.81 -29.51 -34.97
C PRO A 53 -10.96 -30.81 -34.16
N GLY A 54 -11.30 -30.68 -32.86
CA GLY A 54 -11.66 -31.78 -31.96
C GLY A 54 -10.46 -32.45 -31.30
N CYS A 55 -9.26 -32.23 -31.83
CA CYS A 55 -8.02 -32.95 -31.44
C CYS A 55 -7.51 -32.38 -30.11
N ASP A 56 -7.03 -33.23 -29.20
CA ASP A 56 -6.72 -32.85 -27.79
C ASP A 56 -5.24 -33.11 -27.48
N VAL A 57 -4.36 -33.10 -28.50
CA VAL A 57 -2.89 -33.26 -28.31
C VAL A 57 -2.31 -31.91 -27.90
N THR A 58 -1.89 -31.78 -26.64
CA THR A 58 -1.28 -30.58 -26.01
C THR A 58 0.21 -30.80 -25.74
N ASP A 59 0.69 -32.05 -25.74
CA ASP A 59 2.11 -32.42 -25.50
C ASP A 59 2.94 -31.91 -26.68
N VAL A 60 3.81 -30.94 -26.40
CA VAL A 60 4.67 -30.21 -27.38
C VAL A 60 5.61 -31.19 -28.10
N THR A 61 5.97 -32.31 -27.48
CA THR A 61 6.93 -33.32 -28.02
C THR A 61 6.23 -34.11 -29.14
N GLN A 62 4.89 -34.10 -29.13
CA GLN A 62 4.03 -34.83 -30.11
C GLN A 62 3.43 -33.84 -31.13
N LEU A 63 3.95 -32.61 -31.24
CA LEU A 63 3.35 -31.54 -32.10
C LEU A 63 4.36 -31.03 -33.14
N TYR A 64 3.83 -30.45 -34.22
CA TYR A 64 4.59 -29.95 -35.40
C TYR A 64 4.02 -28.60 -35.84
N LEU A 65 4.87 -27.75 -36.41
CA LEU A 65 4.44 -26.51 -37.12
C LEU A 65 4.06 -26.88 -38.57
N GLY A 66 2.77 -26.84 -38.90
CA GLY A 66 2.25 -26.97 -40.28
C GLY A 66 1.96 -25.61 -40.86
N GLY A 67 2.93 -25.02 -41.56
CA GLY A 67 2.89 -23.62 -42.04
C GLY A 67 2.97 -22.63 -40.89
N MET A 68 1.82 -22.08 -40.46
CA MET A 68 1.74 -21.06 -39.38
C MET A 68 1.11 -21.65 -38.12
N SER A 69 0.40 -22.79 -38.23
CA SER A 69 -0.39 -23.42 -37.13
C SER A 69 0.36 -24.64 -36.59
N TYR A 70 -0.21 -25.28 -35.57
CA TYR A 70 0.40 -26.43 -34.86
C TYR A 70 -0.54 -27.62 -35.02
N TYR A 71 0.05 -28.78 -35.33
CA TYR A 71 -0.68 -30.06 -35.51
C TYR A 71 0.14 -31.19 -34.87
N CYS A 72 -0.54 -32.22 -34.40
CA CYS A 72 0.07 -33.49 -33.91
C CYS A 72 0.52 -34.35 -35.10
N LYS A 73 1.01 -35.57 -34.84
CA LYS A 73 1.49 -36.52 -35.87
C LYS A 73 0.34 -36.86 -36.84
N SER A 74 -0.87 -37.04 -36.29
CA SER A 74 -2.11 -37.53 -36.98
C SER A 74 -2.73 -36.47 -37.89
N HIS A 75 -2.37 -35.19 -37.76
CA HIS A 75 -3.07 -34.04 -38.38
C HIS A 75 -2.10 -33.14 -39.14
N LYS A 76 -0.79 -33.32 -39.01
CA LYS A 76 0.21 -32.41 -39.64
C LYS A 76 0.14 -32.56 -41.16
N PRO A 77 0.48 -31.49 -41.91
CA PRO A 77 0.53 -31.54 -43.37
C PRO A 77 1.88 -32.10 -43.80
N PRO A 78 2.06 -32.55 -45.06
CA PRO A 78 3.32 -33.14 -45.49
C PRO A 78 4.54 -32.27 -45.14
N ILE A 79 4.48 -30.97 -45.45
CA ILE A 79 5.63 -30.03 -45.19
C ILE A 79 5.40 -29.41 -43.82
N SER A 80 5.94 -30.05 -42.77
CA SER A 80 5.86 -29.62 -41.35
C SER A 80 7.16 -29.98 -40.61
N PHE A 81 7.51 -29.14 -39.64
CA PHE A 81 8.72 -29.19 -38.77
C PHE A 81 8.31 -29.67 -37.38
N PRO A 82 9.01 -30.63 -36.73
CA PRO A 82 8.66 -31.04 -35.38
C PRO A 82 9.00 -29.92 -34.37
N LEU A 83 8.06 -29.55 -33.51
CA LEU A 83 8.24 -28.40 -32.57
C LEU A 83 9.50 -28.63 -31.73
N CYS A 84 9.73 -29.89 -31.31
CA CYS A 84 10.94 -30.33 -30.56
C CYS A 84 11.93 -30.94 -31.54
N ALA A 85 13.02 -30.21 -31.85
CA ALA A 85 14.09 -30.65 -32.77
C ALA A 85 15.43 -30.07 -32.32
N ASN A 86 16.51 -30.85 -32.49
CA ASN A 86 17.91 -30.44 -32.19
C ASN A 86 17.94 -29.55 -30.93
N GLY A 87 17.35 -30.03 -29.83
CA GLY A 87 17.49 -29.45 -28.48
C GLY A 87 16.76 -28.13 -28.30
N GLN A 88 15.71 -27.86 -29.10
CA GLN A 88 14.95 -26.57 -29.05
C GLN A 88 13.46 -26.83 -29.26
N VAL A 89 12.63 -25.89 -28.78
CA VAL A 89 11.16 -25.79 -29.01
C VAL A 89 10.98 -24.57 -29.92
N PHE A 90 10.24 -24.70 -31.01
CA PHE A 90 10.06 -23.63 -32.01
C PHE A 90 9.36 -22.43 -31.37
N GLY A 91 9.97 -21.26 -31.49
CA GLY A 91 9.41 -19.97 -31.05
C GLY A 91 10.27 -18.84 -31.57
N LEU A 92 9.86 -17.60 -31.30
CA LEU A 92 10.57 -16.39 -31.79
C LEU A 92 11.92 -16.28 -31.06
N TYR A 93 12.88 -15.59 -31.68
CA TYR A 93 14.22 -15.21 -31.14
C TYR A 93 15.13 -16.45 -30.97
N LYS A 94 14.82 -17.54 -31.71
CA LYS A 94 15.54 -18.84 -31.65
C LYS A 94 17.04 -18.64 -31.93
N VAL A 103 19.51 -26.53 -15.97
CA VAL A 103 18.03 -26.69 -16.04
C VAL A 103 17.59 -27.95 -15.25
N THR A 104 18.50 -28.88 -14.94
CA THR A 104 18.29 -29.97 -13.96
C THR A 104 17.64 -29.40 -12.69
N ASP A 105 18.26 -28.35 -12.10
CA ASP A 105 17.81 -27.65 -10.87
C ASP A 105 16.41 -27.06 -11.11
N PHE A 106 16.26 -26.31 -12.19
CA PHE A 106 14.95 -25.71 -12.59
C PHE A 106 13.86 -26.79 -12.64
N ASN A 107 14.17 -27.98 -13.17
CA ASN A 107 13.19 -29.09 -13.33
C ASN A 107 12.74 -29.58 -11.94
N ALA A 108 13.68 -29.74 -11.01
CA ALA A 108 13.39 -30.18 -9.62
C ALA A 108 12.52 -29.14 -8.93
N ILE A 109 12.85 -27.86 -9.06
CA ILE A 109 12.08 -26.74 -8.46
C ILE A 109 10.66 -26.74 -9.03
N ALA A 110 10.54 -26.80 -10.36
CA ALA A 110 9.27 -26.68 -11.11
C ALA A 110 8.28 -27.80 -10.78
N THR A 111 8.78 -29.00 -10.46
CA THR A 111 7.94 -30.22 -10.31
C THR A 111 7.78 -30.64 -8.84
N CYS A 112 8.58 -30.13 -7.89
CA CYS A 112 8.57 -30.62 -6.49
C CYS A 112 7.31 -30.10 -5.78
N ASP A 113 6.87 -30.79 -4.73
CA ASP A 113 5.66 -30.45 -3.95
C ASP A 113 6.06 -29.70 -2.66
N TRP A 114 7.36 -29.55 -2.35
CA TRP A 114 7.88 -28.72 -1.24
C TRP A 114 7.62 -29.39 0.13
N THR A 115 7.51 -30.71 0.15
CA THR A 115 7.27 -31.53 1.37
C THR A 115 8.62 -32.04 1.90
N ASN A 116 9.69 -31.90 1.12
CA ASN A 116 11.04 -32.50 1.40
C ASN A 116 12.04 -31.38 1.60
N ALA A 117 12.93 -31.56 2.57
CA ALA A 117 14.06 -30.66 2.91
C ALA A 117 14.91 -30.37 1.66
N GLY A 118 15.23 -31.40 0.86
CA GLY A 118 16.05 -31.28 -0.37
C GLY A 118 15.51 -30.21 -1.31
N ASP A 119 14.20 -29.98 -1.29
CA ASP A 119 13.51 -28.97 -2.13
C ASP A 119 14.04 -27.59 -1.73
N TYR A 120 14.07 -27.33 -0.41
CA TYR A 120 14.47 -26.04 0.17
C TYR A 120 15.97 -25.88 -0.05
N ILE A 121 16.70 -26.98 0.08
CA ILE A 121 18.17 -26.96 -0.10
C ILE A 121 18.44 -26.43 -1.50
N LEU A 122 17.78 -27.01 -2.49
CA LEU A 122 18.00 -26.69 -3.93
C LEU A 122 17.50 -25.27 -4.23
N ALA A 123 16.47 -24.78 -3.54
CA ALA A 123 15.93 -23.40 -3.69
C ALA A 123 16.91 -22.36 -3.09
N ASN A 124 17.99 -22.80 -2.44
CA ASN A 124 18.98 -21.91 -1.77
C ASN A 124 20.40 -22.15 -2.28
N THR A 125 20.67 -23.26 -2.98
CA THR A 125 21.99 -23.57 -3.56
C THR A 125 22.01 -23.28 -5.06
N CYS A 126 20.86 -22.98 -5.67
CA CYS A 126 20.73 -22.75 -7.13
C CYS A 126 21.21 -21.33 -7.48
N THR A 127 21.23 -20.98 -8.77
CA THR A 127 21.50 -19.62 -9.29
C THR A 127 20.51 -18.63 -8.64
N GLU A 128 20.79 -17.33 -8.77
CA GLU A 128 20.00 -16.23 -8.18
C GLU A 128 18.62 -16.12 -8.84
N ARG A 129 18.52 -16.22 -10.16
CA ARG A 129 17.20 -16.13 -10.85
C ARG A 129 16.35 -17.35 -10.45
N LEU A 130 16.98 -18.50 -10.21
CA LEU A 130 16.22 -19.73 -9.83
C LEU A 130 15.77 -19.67 -8.37
N LYS A 131 16.47 -18.88 -7.53
CA LYS A 131 16.05 -18.62 -6.12
C LYS A 131 14.73 -17.86 -6.12
N LEU A 132 14.54 -16.92 -7.05
CA LEU A 132 13.27 -16.14 -7.13
C LEU A 132 12.16 -17.05 -7.66
N PHE A 133 12.45 -17.85 -8.69
CA PHE A 133 11.47 -18.79 -9.31
C PHE A 133 11.01 -19.75 -8.21
N ALA A 134 11.97 -20.37 -7.52
CA ALA A 134 11.76 -21.26 -6.36
C ALA A 134 10.86 -20.60 -5.31
N ALA A 135 11.20 -19.37 -4.90
CA ALA A 135 10.48 -18.61 -3.85
C ALA A 135 9.02 -18.40 -4.26
N GLU A 136 8.77 -17.97 -5.51
CA GLU A 136 7.41 -17.74 -6.08
C GLU A 136 6.61 -19.04 -6.07
N THR A 137 7.23 -20.11 -6.59
CA THR A 137 6.62 -21.45 -6.78
C THR A 137 6.23 -22.01 -5.40
N LEU A 138 7.16 -21.95 -4.45
CA LEU A 138 6.94 -22.43 -3.06
C LEU A 138 5.71 -21.71 -2.50
N LYS A 139 5.74 -20.38 -2.53
CA LYS A 139 4.73 -19.53 -1.86
C LYS A 139 3.36 -19.73 -2.52
N ALA A 140 3.32 -19.91 -3.84
CA ALA A 140 2.06 -20.19 -4.58
C ALA A 140 1.54 -21.55 -4.11
N THR A 141 2.41 -22.56 -4.01
CA THR A 141 2.03 -23.92 -3.54
C THR A 141 1.50 -23.84 -2.10
N GLU A 142 2.20 -23.11 -1.22
CA GLU A 142 1.77 -22.90 0.20
C GLU A 142 0.35 -22.32 0.24
N GLU A 143 0.03 -21.34 -0.62
CA GLU A 143 -1.28 -20.62 -0.59
C GLU A 143 -2.38 -21.56 -1.11
N THR A 144 -2.14 -22.27 -2.23
CA THR A 144 -3.09 -23.22 -2.86
C THR A 144 -3.36 -24.42 -1.92
N PHE A 145 -2.41 -24.73 -1.03
CA PHE A 145 -2.60 -25.78 0.01
C PHE A 145 -3.60 -25.26 1.07
N LYS A 146 -3.60 -23.96 1.39
CA LYS A 146 -4.54 -23.36 2.37
C LYS A 146 -5.99 -23.61 1.93
N LEU A 147 -6.25 -23.63 0.60
CA LEU A 147 -7.60 -23.87 0.01
C LEU A 147 -8.08 -25.29 0.35
N SER A 148 -7.19 -26.20 0.75
CA SER A 148 -7.46 -27.66 0.94
C SER A 148 -8.09 -27.96 2.31
N TYR A 149 -7.86 -27.11 3.32
CA TYR A 149 -8.37 -27.31 4.72
C TYR A 149 -9.87 -27.01 4.79
N GLY A 150 -10.55 -27.51 5.84
CA GLY A 150 -12.02 -27.44 6.01
C GLY A 150 -12.49 -26.18 6.74
N ILE A 151 -13.65 -25.65 6.34
CA ILE A 151 -14.31 -24.42 6.91
C ILE A 151 -14.83 -24.74 8.32
N ALA A 152 -14.63 -23.82 9.27
CA ALA A 152 -15.16 -23.88 10.65
C ALA A 152 -16.32 -22.90 10.78
N THR A 153 -17.54 -23.41 11.06
CA THR A 153 -18.76 -22.60 11.29
C THR A 153 -19.10 -22.67 12.78
N VAL A 154 -19.50 -21.54 13.38
CA VAL A 154 -19.79 -21.41 14.84
C VAL A 154 -21.10 -22.17 15.15
N ARG A 155 -21.03 -23.14 16.07
CA ARG A 155 -22.20 -23.91 16.57
C ARG A 155 -22.82 -23.15 17.75
N GLU A 156 -22.03 -22.79 18.77
CA GLU A 156 -22.49 -21.99 19.94
C GLU A 156 -21.34 -21.19 20.56
N VAL A 157 -21.62 -19.95 20.98
CA VAL A 157 -20.65 -18.99 21.61
C VAL A 157 -20.81 -19.06 23.13
N LEU A 158 -19.80 -19.58 23.83
CA LEU A 158 -19.83 -19.77 25.31
C LEU A 158 -19.60 -18.41 25.99
N SER A 159 -18.49 -17.75 25.65
CA SER A 159 -18.03 -16.49 26.30
C SER A 159 -17.40 -15.57 25.23
N ASP A 160 -16.72 -14.51 25.69
CA ASP A 160 -16.01 -13.51 24.85
C ASP A 160 -14.63 -14.04 24.42
N ARG A 161 -14.20 -15.20 24.96
CA ARG A 161 -12.92 -15.86 24.63
C ARG A 161 -13.09 -17.39 24.49
N GLU A 162 -14.29 -17.88 24.16
CA GLU A 162 -14.57 -19.34 23.97
C GLU A 162 -15.80 -19.53 23.05
N LEU A 163 -15.74 -20.52 22.15
CA LEU A 163 -16.93 -21.02 21.38
C LEU A 163 -16.72 -22.49 20.97
N HIS A 164 -17.78 -23.11 20.44
CA HIS A 164 -17.79 -24.50 19.90
C HIS A 164 -17.92 -24.42 18.37
N LEU A 165 -17.04 -25.10 17.63
CA LEU A 165 -16.95 -24.99 16.15
C LEU A 165 -17.41 -26.27 15.46
N SER A 166 -18.19 -26.09 14.38
CA SER A 166 -18.67 -27.12 13.42
C SER A 166 -17.71 -27.12 12.21
N TRP A 167 -16.96 -28.21 12.02
CA TRP A 167 -15.88 -28.38 10.99
C TRP A 167 -16.43 -29.10 9.73
N GLU A 168 -16.03 -28.61 8.55
CA GLU A 168 -16.40 -29.16 7.21
C GLU A 168 -15.93 -30.61 7.10
N VAL A 169 -16.82 -31.51 6.72
CA VAL A 169 -16.55 -32.97 6.51
C VAL A 169 -15.83 -33.13 5.17
N GLY A 170 -14.88 -34.07 5.10
CA GLY A 170 -14.12 -34.41 3.87
C GLY A 170 -12.79 -33.69 3.79
N LYS A 171 -12.74 -32.41 4.20
CA LYS A 171 -11.52 -31.57 4.17
C LYS A 171 -10.82 -31.65 5.53
N PRO A 172 -9.48 -31.73 5.57
CA PRO A 172 -8.75 -31.87 6.83
C PRO A 172 -8.96 -30.68 7.78
N ARG A 173 -8.55 -30.83 9.04
CA ARG A 173 -8.66 -29.81 10.11
C ARG A 173 -7.27 -29.22 10.34
N PRO A 174 -7.10 -27.89 10.17
CA PRO A 174 -5.79 -27.27 10.35
C PRO A 174 -5.34 -27.24 11.81
N PRO A 175 -4.01 -27.20 12.08
CA PRO A 175 -3.52 -27.06 13.45
C PRO A 175 -4.08 -25.78 14.10
N LEU A 176 -4.66 -25.88 15.29
CA LEU A 176 -5.28 -24.74 16.02
C LEU A 176 -4.27 -24.13 16.99
N ASN A 177 -3.37 -23.29 16.47
CA ASN A 177 -2.31 -22.58 17.24
C ASN A 177 -2.26 -21.13 16.76
N ARG A 178 -1.27 -20.35 17.21
CA ARG A 178 -1.05 -18.94 16.79
C ARG A 178 -0.59 -18.89 15.32
N ASN A 179 0.13 -19.93 14.86
CA ASN A 179 0.74 -20.03 13.49
C ASN A 179 -0.36 -19.93 12.42
N TYR A 180 -1.55 -20.47 12.67
CA TYR A 180 -2.68 -20.56 11.71
C TYR A 180 -3.71 -19.46 12.03
N VAL A 181 -3.70 -18.40 11.22
CA VAL A 181 -4.58 -17.19 11.39
C VAL A 181 -5.73 -17.29 10.40
N PHE A 182 -6.96 -17.24 10.92
CA PHE A 182 -8.23 -17.42 10.18
C PHE A 182 -8.84 -16.05 9.91
N THR A 183 -9.75 -15.98 8.93
CA THR A 183 -10.56 -14.79 8.58
C THR A 183 -12.04 -15.13 8.76
N GLY A 184 -12.74 -14.37 9.62
CA GLY A 184 -14.17 -14.53 9.92
C GLY A 184 -15.03 -13.81 8.89
N TYR A 185 -16.23 -14.33 8.61
CA TYR A 185 -17.19 -13.81 7.61
C TYR A 185 -18.62 -13.86 8.17
N GLN A 194 -16.17 -9.44 6.11
CA GLN A 194 -14.97 -9.77 6.93
C GLN A 194 -15.13 -9.18 8.34
N ILE A 195 -15.33 -10.04 9.35
CA ILE A 195 -15.44 -9.63 10.77
C ILE A 195 -14.03 -9.60 11.40
N GLY A 196 -12.97 -9.53 10.56
CA GLY A 196 -11.58 -9.39 10.99
C GLY A 196 -10.87 -10.74 11.03
N GLU A 197 -9.57 -10.73 11.28
CA GLU A 197 -8.73 -11.95 11.44
C GLU A 197 -8.94 -12.50 12.86
N TYR A 198 -8.93 -13.84 13.00
CA TYR A 198 -9.19 -14.56 14.28
C TYR A 198 -8.22 -15.74 14.40
N THR A 199 -7.76 -16.04 15.61
CA THR A 199 -6.92 -17.24 15.95
C THR A 199 -7.68 -18.09 16.97
N PHE A 200 -7.20 -19.33 17.23
CA PHE A 200 -7.85 -20.36 18.10
C PHE A 200 -6.81 -21.16 18.89
N GLU A 201 -7.23 -21.69 20.06
CA GLU A 201 -6.42 -22.50 21.00
C GLU A 201 -7.32 -23.54 21.69
N LYS A 202 -6.90 -24.81 21.76
CA LYS A 202 -7.62 -25.89 22.48
C LYS A 202 -7.35 -25.76 23.99
N ASP A 207 -14.51 -29.98 24.41
CA ASP A 207 -14.73 -29.45 23.03
C ASP A 207 -14.56 -27.92 22.99
N ALA A 208 -14.09 -27.29 24.07
CA ALA A 208 -14.03 -25.81 24.22
C ALA A 208 -12.77 -25.29 23.53
N VAL A 209 -12.92 -24.31 22.63
CA VAL A 209 -11.78 -23.64 21.92
C VAL A 209 -11.77 -22.13 22.27
N VAL A 210 -10.57 -21.58 22.47
CA VAL A 210 -10.30 -20.15 22.83
C VAL A 210 -10.16 -19.33 21.53
N TYR A 211 -11.09 -18.40 21.27
CA TYR A 211 -11.12 -17.57 20.03
C TYR A 211 -10.60 -16.16 20.34
N ARG A 212 -9.70 -15.66 19.47
CA ARG A 212 -9.01 -14.35 19.63
C ARG A 212 -9.17 -13.55 18.33
N GLY A 213 -10.17 -12.67 18.28
CA GLY A 213 -10.42 -11.76 17.15
C GLY A 213 -9.53 -10.53 17.22
N THR A 214 -9.02 -10.09 16.07
CA THR A 214 -8.25 -8.83 15.91
C THR A 214 -9.24 -7.64 16.03
N THR A 215 -10.55 -7.93 15.95
CA THR A 215 -11.68 -7.01 16.25
C THR A 215 -12.57 -7.69 17.29
N THR A 216 -12.95 -6.99 18.36
CA THR A 216 -13.89 -7.50 19.41
C THR A 216 -15.31 -7.47 18.84
N TYR A 217 -15.67 -8.49 18.05
CA TYR A 217 -16.97 -8.63 17.35
C TYR A 217 -17.77 -9.77 17.99
N LYS A 218 -19.04 -9.51 18.31
CA LYS A 218 -20.01 -10.52 18.81
C LYS A 218 -20.11 -11.62 17.75
N LEU A 219 -19.27 -12.65 17.88
CA LEU A 219 -19.15 -13.81 16.94
C LEU A 219 -20.52 -14.48 16.79
N ASN A 220 -21.29 -14.08 15.78
CA ASN A 220 -22.68 -14.57 15.54
C ASN A 220 -22.63 -16.07 15.23
N VAL A 221 -23.61 -16.84 15.74
CA VAL A 221 -23.77 -18.30 15.45
C VAL A 221 -24.21 -18.46 13.97
N GLY A 222 -23.39 -19.12 13.16
CA GLY A 222 -23.58 -19.25 11.70
C GLY A 222 -22.46 -18.57 10.93
N ASP A 223 -21.74 -17.63 11.55
CA ASP A 223 -20.48 -17.04 11.02
C ASP A 223 -19.47 -18.19 10.84
N TYR A 224 -18.58 -18.09 9.85
CA TYR A 224 -17.56 -19.12 9.52
C TYR A 224 -16.18 -18.49 9.36
N PHE A 225 -15.13 -19.31 9.56
CA PHE A 225 -13.70 -18.93 9.50
C PHE A 225 -13.01 -19.73 8.39
N VAL A 226 -12.12 -19.07 7.64
CA VAL A 226 -11.24 -19.68 6.60
C VAL A 226 -9.83 -19.06 6.76
N LEU A 227 -8.78 -19.87 6.55
CA LEU A 227 -7.37 -19.39 6.50
C LEU A 227 -7.18 -18.53 5.25
N THR A 228 -6.89 -17.24 5.44
CA THR A 228 -6.78 -16.22 4.36
C THR A 228 -5.66 -16.61 3.39
N SER A 229 -6.03 -17.00 2.16
CA SER A 229 -5.12 -17.33 1.03
C SER A 229 -4.86 -16.07 0.18
N HIS A 230 -3.62 -15.57 0.16
CA HIS A 230 -3.24 -14.30 -0.53
C HIS A 230 -2.58 -14.62 -1.87
N THR A 231 -2.79 -13.75 -2.87
CA THR A 231 -2.20 -13.85 -4.23
C THR A 231 -0.70 -13.61 -4.11
N VAL A 232 0.09 -14.49 -4.71
CA VAL A 232 1.58 -14.43 -4.68
C VAL A 232 2.02 -13.56 -5.85
N MET A 233 2.45 -12.34 -5.57
CA MET A 233 3.02 -11.42 -6.59
C MET A 233 4.35 -11.99 -7.10
N PRO A 234 4.70 -11.76 -8.37
CA PRO A 234 5.97 -12.20 -8.91
C PRO A 234 7.10 -11.43 -8.23
N LEU A 235 8.29 -12.02 -8.19
CA LEU A 235 9.54 -11.37 -7.69
C LEU A 235 10.24 -10.79 -8.91
N SER A 236 11.15 -9.85 -8.69
CA SER A 236 11.94 -9.15 -9.75
C SER A 236 13.37 -8.94 -9.26
N ALA A 237 13.52 -8.40 -8.05
CA ALA A 237 14.81 -8.08 -7.41
C ALA A 237 15.43 -9.36 -6.88
N PRO A 238 16.78 -9.43 -6.86
CA PRO A 238 17.47 -10.57 -6.27
C PRO A 238 17.22 -10.66 -4.75
N THR A 239 17.66 -11.75 -4.14
CA THR A 239 17.59 -11.93 -2.65
C THR A 239 18.64 -11.00 -2.05
N LEU A 240 19.83 -10.98 -2.68
CA LEU A 240 21.04 -10.22 -2.31
C LEU A 240 21.59 -9.48 -3.53
N VAL A 241 21.53 -8.15 -3.55
CA VAL A 241 22.18 -7.32 -4.61
C VAL A 241 23.62 -7.80 -4.74
N PRO A 242 24.33 -7.57 -5.87
CA PRO A 242 25.70 -8.03 -6.02
C PRO A 242 26.56 -7.30 -4.97
N GLN A 243 27.51 -8.00 -4.35
CA GLN A 243 28.41 -7.40 -3.32
C GLN A 243 29.36 -6.41 -4.00
N GLU A 244 29.48 -5.21 -3.43
CA GLU A 244 30.52 -4.20 -3.77
C GLU A 244 31.34 -3.91 -2.51
N HIS A 245 32.67 -3.99 -2.63
CA HIS A 245 33.63 -3.56 -1.59
C HIS A 245 34.22 -2.21 -1.98
N TYR A 246 34.25 -1.25 -1.05
CA TYR A 246 34.79 0.11 -1.25
C TYR A 246 36.07 0.27 -0.42
N VAL A 247 36.89 1.25 -0.79
CA VAL A 247 38.20 1.59 -0.15
C VAL A 247 37.97 2.68 0.91
N ARG A 248 36.87 3.44 0.78
CA ARG A 248 36.43 4.50 1.71
C ARG A 248 34.93 4.32 2.02
N ILE A 249 34.50 4.81 3.18
CA ILE A 249 33.06 4.85 3.58
C ILE A 249 32.32 5.66 2.50
N THR A 250 31.25 5.08 1.94
CA THR A 250 30.58 5.56 0.71
C THR A 250 29.16 6.04 1.04
N GLY A 251 28.84 7.31 0.72
CA GLY A 251 27.49 7.90 0.88
C GLY A 251 27.06 8.05 2.32
N LEU A 252 27.98 7.82 3.28
CA LEU A 252 27.70 7.90 4.73
C LEU A 252 28.77 8.80 5.36
N TYR A 253 28.39 9.60 6.37
CA TYR A 253 29.25 10.61 7.03
C TYR A 253 29.30 10.37 8.53
N PRO A 254 30.41 9.77 9.03
CA PRO A 254 30.53 9.39 10.45
C PRO A 254 30.61 10.58 11.41
N THR A 255 30.11 10.42 12.64
CA THR A 255 30.41 11.35 13.78
C THR A 255 31.84 11.10 14.23
N LEU A 256 32.44 12.11 14.85
CA LEU A 256 33.69 12.02 15.65
C LEU A 256 33.30 12.04 17.14
N ASN A 257 32.34 12.90 17.47
CA ASN A 257 31.66 12.95 18.79
C ASN A 257 30.67 11.77 18.86
N ILE A 258 31.14 10.56 19.20
CA ILE A 258 30.31 9.32 19.24
C ILE A 258 30.29 8.76 20.68
N SER A 259 29.09 8.54 21.23
CA SER A 259 28.81 8.07 22.61
C SER A 259 29.64 6.81 22.93
N ASP A 260 30.32 6.79 24.08
CA ASP A 260 31.22 5.71 24.56
C ASP A 260 30.51 4.35 24.52
N GLU A 261 29.18 4.35 24.69
CA GLU A 261 28.31 3.15 24.68
C GLU A 261 28.52 2.34 23.39
N PHE A 262 28.71 3.03 22.25
CA PHE A 262 28.79 2.44 20.89
C PHE A 262 30.22 2.51 20.35
N SER A 263 31.22 2.63 21.23
CA SER A 263 32.67 2.64 20.91
C SER A 263 33.11 1.26 20.39
N SER A 264 32.56 0.21 20.99
CA SER A 264 32.92 -1.20 20.66
C SER A 264 32.59 -1.48 19.19
N ASN A 265 31.48 -0.92 18.68
CA ASN A 265 30.91 -1.27 17.36
C ASN A 265 31.57 -0.45 16.23
N VAL A 266 32.38 0.56 16.55
CA VAL A 266 32.80 1.62 15.56
C VAL A 266 33.47 0.95 14.36
N ALA A 267 34.37 -0.03 14.56
CA ALA A 267 35.13 -0.68 13.47
C ALA A 267 34.14 -1.41 12.55
N ASN A 268 33.06 -1.96 13.11
CA ASN A 268 32.01 -2.71 12.36
C ASN A 268 31.12 -1.71 11.61
N TYR A 269 30.89 -0.51 12.15
CA TYR A 269 30.07 0.56 11.51
C TYR A 269 30.79 1.08 10.26
N GLN A 270 32.12 1.10 10.30
CA GLN A 270 33.02 1.54 9.19
C GLN A 270 33.17 0.40 8.15
N LYS A 271 32.96 -0.85 8.56
CA LYS A 271 32.85 -2.00 7.62
C LYS A 271 31.53 -1.87 6.83
N VAL A 272 30.43 -1.55 7.52
CA VAL A 272 29.06 -1.38 6.94
C VAL A 272 29.14 -0.36 5.81
N GLY A 273 29.86 0.76 6.03
CA GLY A 273 29.97 1.89 5.09
C GLY A 273 30.92 1.62 3.92
N MET A 274 31.73 0.55 4.00
CA MET A 274 32.76 0.19 3.00
C MET A 274 32.37 -1.09 2.22
N GLN A 275 31.09 -1.46 2.21
CA GLN A 275 30.52 -2.61 1.46
C GLN A 275 29.07 -2.29 1.11
N LYS A 276 28.56 -2.82 0.00
CA LYS A 276 27.13 -2.65 -0.41
C LYS A 276 26.22 -3.29 0.65
N TYR A 277 26.46 -4.55 1.00
CA TYR A 277 25.68 -5.24 2.07
C TYR A 277 26.66 -5.87 3.05
N SER A 278 26.23 -6.03 4.29
CA SER A 278 26.99 -6.76 5.34
C SER A 278 26.04 -7.62 6.19
N THR A 279 26.61 -8.69 6.75
CA THR A 279 25.95 -9.70 7.60
C THR A 279 26.51 -9.60 9.02
N LEU A 280 25.60 -9.47 9.99
CA LEU A 280 25.93 -9.48 11.44
C LEU A 280 25.26 -10.68 12.13
N GLN A 281 26.05 -11.66 12.57
CA GLN A 281 25.55 -12.77 13.40
C GLN A 281 25.67 -12.32 14.86
N GLY A 282 24.54 -12.16 15.52
CA GLY A 282 24.43 -11.75 16.93
C GLY A 282 23.68 -12.80 17.73
N PRO A 283 24.40 -13.77 18.34
CA PRO A 283 23.82 -14.72 19.29
C PRO A 283 23.00 -14.01 20.34
N PRO A 284 22.17 -14.74 21.13
CA PRO A 284 21.20 -14.08 22.00
C PRO A 284 21.90 -13.13 23.01
N GLY A 285 21.37 -11.91 23.14
CA GLY A 285 21.80 -10.92 24.17
C GLY A 285 23.22 -10.42 23.94
N THR A 286 23.67 -10.31 22.67
CA THR A 286 25.05 -9.92 22.30
C THR A 286 25.09 -8.46 21.81
N GLY A 287 23.93 -7.81 21.69
CA GLY A 287 23.82 -6.39 21.32
C GLY A 287 23.41 -6.14 19.87
N LYS A 288 22.59 -7.00 19.24
CA LYS A 288 22.06 -6.77 17.86
C LYS A 288 21.30 -5.43 17.81
N SER A 289 20.35 -5.23 18.72
CA SER A 289 19.43 -4.07 18.71
C SER A 289 20.25 -2.79 18.94
N HIS A 290 21.15 -2.87 19.90
CA HIS A 290 22.19 -1.86 20.24
C HIS A 290 23.00 -1.54 18.99
N PHE A 291 23.42 -2.57 18.25
CA PHE A 291 24.22 -2.42 17.01
C PHE A 291 23.39 -1.67 15.96
N ALA A 292 22.11 -2.05 15.81
CA ALA A 292 21.17 -1.52 14.80
C ALA A 292 21.00 -0.02 15.00
N ILE A 293 20.72 0.40 16.25
CA ILE A 293 20.39 1.80 16.62
C ILE A 293 21.68 2.61 16.67
N GLY A 294 22.78 2.00 17.13
CA GLY A 294 24.11 2.64 17.21
C GLY A 294 24.65 3.01 15.84
N LEU A 295 24.11 2.38 14.80
CA LEU A 295 24.45 2.66 13.39
C LEU A 295 23.90 4.05 13.03
N ALA A 296 22.71 4.39 13.51
CA ALA A 296 22.06 5.72 13.30
C ALA A 296 22.96 6.81 13.92
N LEU A 297 23.43 6.59 15.16
CA LEU A 297 24.19 7.57 15.99
C LEU A 297 25.59 7.74 15.39
N TYR A 298 26.12 6.72 14.71
CA TYR A 298 27.45 6.79 14.08
C TYR A 298 27.38 7.43 12.68
N TYR A 299 26.22 7.35 12.02
CA TYR A 299 25.90 8.06 10.74
C TYR A 299 24.65 8.91 10.97
N PRO A 300 24.78 10.01 11.76
CA PRO A 300 23.61 10.77 12.24
C PRO A 300 22.70 11.41 11.18
N SER A 301 23.21 11.67 9.97
CA SER A 301 22.48 12.31 8.83
C SER A 301 21.83 11.25 7.91
N ALA A 302 22.35 10.00 7.93
CA ALA A 302 21.89 8.89 7.08
C ALA A 302 20.42 8.55 7.38
N ARG A 303 19.61 8.42 6.33
CA ARG A 303 18.21 7.91 6.39
C ARG A 303 18.31 6.38 6.48
N ILE A 304 17.68 5.80 7.50
CA ILE A 304 17.73 4.32 7.78
C ILE A 304 16.29 3.79 7.85
N VAL A 305 16.05 2.74 7.08
CA VAL A 305 14.79 1.94 7.16
C VAL A 305 15.11 0.69 8.00
N TYR A 306 14.37 0.50 9.08
CA TYR A 306 14.45 -0.67 9.99
C TYR A 306 13.29 -1.61 9.62
N THR A 307 13.64 -2.82 9.19
CA THR A 307 12.65 -3.82 8.71
C THR A 307 12.95 -5.20 9.32
N ALA A 308 11.88 -5.94 9.58
CA ALA A 308 11.86 -7.39 9.90
C ALA A 308 10.51 -7.98 9.47
N CYS A 309 10.40 -9.31 9.37
CA CYS A 309 9.15 -10.00 8.96
C CYS A 309 8.02 -9.77 9.97
N SER A 310 8.29 -9.93 11.28
CA SER A 310 7.25 -9.84 12.34
C SER A 310 7.12 -8.38 12.84
N HIS A 311 5.93 -8.05 13.33
CA HIS A 311 5.62 -6.80 14.08
C HIS A 311 6.42 -6.75 15.39
N ALA A 312 6.61 -7.90 16.06
CA ALA A 312 7.34 -7.98 17.35
C ALA A 312 8.80 -7.57 17.11
N ALA A 313 9.43 -8.05 16.03
CA ALA A 313 10.85 -7.76 15.75
C ALA A 313 11.01 -6.28 15.43
N VAL A 314 10.01 -5.70 14.77
CA VAL A 314 10.04 -4.26 14.36
C VAL A 314 9.78 -3.39 15.61
N ASP A 315 8.87 -3.82 16.49
CA ASP A 315 8.55 -3.12 17.78
C ASP A 315 9.80 -3.05 18.66
N ALA A 316 10.52 -4.15 18.81
CA ALA A 316 11.78 -4.24 19.58
C ALA A 316 12.80 -3.22 19.08
N LEU A 317 12.93 -3.03 17.76
CA LEU A 317 13.87 -2.02 17.19
C LEU A 317 13.35 -0.61 17.55
N CYS A 318 12.02 -0.45 17.56
CA CYS A 318 11.32 0.83 17.89
C CYS A 318 11.68 1.17 19.35
N GLU A 319 11.53 0.22 20.28
CA GLU A 319 11.80 0.42 21.74
C GLU A 319 13.25 0.87 21.92
N LYS A 320 14.21 0.24 21.24
CA LYS A 320 15.64 0.61 21.36
C LYS A 320 15.87 2.00 20.75
N ALA A 321 15.18 2.36 19.66
CA ALA A 321 15.29 3.69 19.03
C ALA A 321 14.73 4.76 19.96
N LEU A 322 13.52 4.53 20.51
CA LEU A 322 12.84 5.45 21.47
C LEU A 322 13.83 5.96 22.53
N LYS A 323 14.79 5.12 22.91
CA LYS A 323 15.77 5.38 23.99
C LYS A 323 16.97 6.19 23.48
N TYR A 324 17.27 6.18 22.17
CA TYR A 324 18.55 6.74 21.64
C TYR A 324 18.38 7.72 20.48
N LEU A 325 17.29 7.62 19.72
CA LEU A 325 17.07 8.47 18.52
C LEU A 325 15.95 9.47 18.81
N PRO A 326 16.01 10.68 18.22
CA PRO A 326 14.99 11.70 18.44
C PRO A 326 13.64 11.22 17.90
N ILE A 327 12.58 11.25 18.72
CA ILE A 327 11.23 10.66 18.44
C ILE A 327 10.54 11.34 17.24
N ASP A 328 10.94 12.57 16.88
CA ASP A 328 10.30 13.36 15.80
C ASP A 328 10.91 13.02 14.43
N LYS A 329 11.90 12.12 14.38
CA LYS A 329 12.51 11.66 13.10
C LYS A 329 12.28 10.15 12.94
N CYS A 330 11.39 9.57 13.74
CA CYS A 330 11.02 8.13 13.70
C CYS A 330 9.55 7.98 13.28
N SER A 331 9.28 7.06 12.35
CA SER A 331 7.91 6.66 11.97
C SER A 331 7.73 5.14 12.03
N ARG A 332 6.60 4.68 12.58
CA ARG A 332 6.19 3.26 12.57
C ARG A 332 5.11 3.07 11.49
N ILE A 333 5.48 2.40 10.38
CA ILE A 333 4.58 2.15 9.20
C ILE A 333 3.67 0.97 9.56
N ILE A 334 2.35 1.19 9.54
CA ILE A 334 1.33 0.18 9.93
C ILE A 334 0.40 -0.03 8.74
N PRO A 335 0.23 -1.28 8.27
CA PRO A 335 -0.68 -1.57 7.16
C PRO A 335 -2.13 -1.38 7.64
N ALA A 336 -2.96 -0.76 6.79
CA ALA A 336 -4.37 -0.35 7.07
C ALA A 336 -5.21 -1.56 7.51
N ARG A 337 -4.84 -2.77 7.05
CA ARG A 337 -5.42 -4.05 7.52
C ARG A 337 -4.62 -4.50 8.75
N ALA A 338 -4.84 -3.83 9.88
CA ALA A 338 -4.11 -4.02 11.16
C ALA A 338 -4.43 -5.41 11.73
N ARG A 339 -3.40 -6.25 11.90
CA ARG A 339 -3.53 -7.69 12.28
C ARG A 339 -3.34 -7.83 13.80
N VAL A 340 -2.25 -7.31 14.36
CA VAL A 340 -2.03 -7.28 15.84
C VAL A 340 -1.55 -5.88 16.26
N GLU A 341 -1.90 -5.49 17.50
CA GLU A 341 -1.44 -4.25 18.17
C GLU A 341 0.09 -4.19 18.10
N CYS A 342 0.66 -3.07 17.66
CA CYS A 342 2.13 -2.84 17.57
C CYS A 342 2.47 -1.44 18.09
N PHE A 343 3.75 -1.06 18.03
CA PHE A 343 4.36 0.14 18.67
C PHE A 343 3.54 1.40 18.39
N ASP A 344 3.28 2.22 19.43
CA ASP A 344 2.33 3.38 19.38
C ASP A 344 3.01 4.73 19.70
N LYS A 345 4.31 4.79 20.00
CA LYS A 345 4.98 6.04 20.48
C LYS A 345 5.65 6.81 19.33
N PHE A 346 5.67 6.32 18.10
CA PHE A 346 6.18 7.09 16.93
C PHE A 346 4.99 7.61 16.11
N LYS A 347 5.23 8.65 15.29
CA LYS A 347 4.29 9.11 14.24
C LYS A 347 4.04 7.95 13.27
N VAL A 348 2.77 7.64 12.99
CA VAL A 348 2.35 6.45 12.18
C VAL A 348 2.20 6.83 10.70
N ASN A 349 2.88 6.09 9.82
CA ASN A 349 2.73 6.09 8.33
C ASN A 349 3.45 7.31 7.70
N SER A 350 4.26 8.04 8.47
CA SER A 350 5.07 9.18 7.97
C SER A 350 6.28 8.66 7.21
N THR A 351 6.02 8.06 6.05
CA THR A 351 6.95 7.33 5.15
C THR A 351 8.28 8.08 4.94
N LEU A 352 8.33 9.39 5.15
CA LEU A 352 9.49 10.24 4.76
C LEU A 352 10.36 10.64 5.95
N GLU A 353 10.05 10.19 7.18
CA GLU A 353 10.86 10.47 8.40
C GLU A 353 12.24 9.82 8.23
N GLN A 354 13.30 10.37 8.84
CA GLN A 354 14.70 9.89 8.69
C GLN A 354 14.81 8.41 9.10
N TYR A 355 13.99 7.98 10.09
CA TYR A 355 13.97 6.62 10.68
C TYR A 355 12.57 6.03 10.48
N VAL A 356 12.51 4.96 9.67
CA VAL A 356 11.25 4.25 9.27
C VAL A 356 11.32 2.80 9.76
N PHE A 357 10.32 2.40 10.53
CA PHE A 357 10.22 1.09 11.22
C PHE A 357 9.02 0.37 10.61
N CYS A 358 9.28 -0.68 9.83
CA CYS A 358 8.21 -1.31 8.99
C CYS A 358 8.48 -2.81 8.81
N THR A 359 7.44 -3.63 8.96
CA THR A 359 7.44 -5.06 8.55
C THR A 359 7.66 -5.15 7.04
N VAL A 360 8.38 -6.18 6.58
CA VAL A 360 8.70 -6.47 5.15
C VAL A 360 7.44 -6.38 4.30
N ASN A 361 6.32 -6.96 4.75
CA ASN A 361 5.08 -7.09 3.93
C ASN A 361 4.47 -5.71 3.68
N ALA A 362 4.77 -4.72 4.53
CA ALA A 362 4.13 -3.37 4.52
C ALA A 362 5.09 -2.31 3.93
N LEU A 363 6.34 -2.68 3.64
CA LEU A 363 7.36 -1.72 3.17
C LEU A 363 6.80 -0.90 2.02
N PRO A 364 7.01 0.44 2.04
CA PRO A 364 6.65 1.28 0.89
C PRO A 364 7.78 1.24 -0.14
N GLU A 365 7.49 1.75 -1.33
CA GLU A 365 8.48 2.04 -2.39
C GLU A 365 9.28 3.25 -1.92
N THR A 366 10.56 3.09 -1.58
CA THR A 366 11.41 4.23 -1.14
C THR A 366 12.90 3.91 -1.33
N THR A 367 13.74 4.89 -1.00
CA THR A 367 15.22 4.77 -0.98
C THR A 367 15.69 5.02 0.46
N ALA A 368 16.97 4.78 0.71
CA ALA A 368 17.59 4.92 2.05
C ALA A 368 19.10 4.90 1.88
N ASP A 369 19.84 5.45 2.84
CA ASP A 369 21.32 5.39 2.89
C ASP A 369 21.69 4.00 3.45
N ILE A 370 20.91 3.57 4.44
CA ILE A 370 21.07 2.23 5.08
C ILE A 370 19.70 1.60 5.24
N VAL A 371 19.59 0.32 4.86
CA VAL A 371 18.46 -0.58 5.23
C VAL A 371 19.01 -1.57 6.25
N VAL A 372 18.36 -1.68 7.40
CA VAL A 372 18.71 -2.70 8.43
C VAL A 372 17.58 -3.73 8.43
N PHE A 373 17.92 -4.97 8.07
CA PHE A 373 16.96 -6.11 8.05
C PHE A 373 17.29 -6.97 9.28
N ASP A 374 16.35 -7.02 10.21
CA ASP A 374 16.56 -7.68 11.53
C ASP A 374 15.87 -9.05 11.55
N GLU A 375 16.35 -9.92 12.45
CA GLU A 375 15.84 -11.30 12.72
C GLU A 375 15.91 -12.11 11.42
N ILE A 376 17.11 -12.16 10.84
CA ILE A 376 17.28 -12.62 9.44
C ILE A 376 17.07 -14.13 9.37
N SER A 377 17.02 -14.84 10.49
CA SER A 377 16.82 -16.32 10.49
C SER A 377 15.37 -16.57 10.08
N MET A 378 14.45 -15.68 10.44
CA MET A 378 13.00 -15.79 10.17
C MET A 378 12.63 -15.35 8.74
N ALA A 379 13.55 -14.74 7.99
CA ALA A 379 13.27 -14.25 6.62
C ALA A 379 13.32 -15.43 5.65
N THR A 380 12.41 -15.42 4.68
CA THR A 380 12.44 -16.34 3.50
C THR A 380 13.15 -15.59 2.36
N ASN A 381 13.56 -16.30 1.30
CA ASN A 381 14.06 -15.67 0.05
C ASN A 381 12.95 -14.78 -0.56
N TYR A 382 11.69 -15.15 -0.39
CA TYR A 382 10.60 -14.29 -0.86
C TYR A 382 10.78 -12.92 -0.19
N ASP A 383 10.89 -12.87 1.14
CA ASP A 383 11.08 -11.61 1.90
C ASP A 383 12.35 -10.89 1.40
N LEU A 384 13.49 -11.57 1.32
CA LEU A 384 14.78 -10.95 0.93
C LEU A 384 14.62 -10.21 -0.39
N SER A 385 13.85 -10.79 -1.33
CA SER A 385 13.58 -10.24 -2.68
C SER A 385 12.66 -9.01 -2.56
N VAL A 386 11.58 -9.11 -1.79
CA VAL A 386 10.59 -8.01 -1.63
C VAL A 386 11.29 -6.78 -1.05
N VAL A 387 12.23 -6.99 -0.12
CA VAL A 387 13.05 -5.88 0.47
C VAL A 387 13.85 -5.24 -0.67
N ASN A 388 14.68 -6.01 -1.40
CA ASN A 388 15.55 -5.46 -2.47
C ASN A 388 14.69 -4.79 -3.57
N ALA A 389 13.40 -5.15 -3.68
CA ALA A 389 12.45 -4.62 -4.68
C ALA A 389 11.89 -3.27 -4.25
N ARG A 390 11.51 -3.11 -2.97
CA ARG A 390 10.80 -1.92 -2.47
C ARG A 390 11.79 -0.85 -1.96
N LEU A 391 13.00 -1.25 -1.55
CA LEU A 391 14.02 -0.35 -0.95
C LEU A 391 15.28 -0.32 -1.83
N ARG A 392 15.64 0.86 -2.34
CA ARG A 392 16.91 1.13 -3.06
C ARG A 392 17.81 1.90 -2.10
N ALA A 393 18.96 1.35 -1.72
CA ALA A 393 19.76 1.81 -0.57
C ALA A 393 21.25 1.73 -0.87
N LYS A 394 22.03 2.66 -0.31
CA LYS A 394 23.50 2.69 -0.48
C LYS A 394 24.11 1.49 0.25
N HIS A 395 23.52 1.12 1.41
CA HIS A 395 24.01 0.00 2.25
C HIS A 395 22.84 -0.82 2.82
N TYR A 396 22.95 -2.15 2.71
CA TYR A 396 22.02 -3.15 3.29
C TYR A 396 22.73 -3.87 4.45
N VAL A 397 22.15 -3.87 5.64
CA VAL A 397 22.75 -4.57 6.82
C VAL A 397 21.80 -5.69 7.24
N TYR A 398 22.33 -6.91 7.26
CA TYR A 398 21.50 -8.10 7.64
C TYR A 398 21.95 -8.56 9.02
N ILE A 399 21.01 -8.50 9.97
CA ILE A 399 21.26 -8.86 11.39
C ILE A 399 20.35 -10.04 11.77
N GLY A 400 20.96 -11.10 12.30
CA GLY A 400 20.23 -12.12 13.07
C GLY A 400 21.17 -13.22 13.46
N ASP A 401 20.67 -14.44 13.54
CA ASP A 401 21.48 -15.58 14.05
C ASP A 401 20.97 -16.84 13.37
N PRO A 402 21.77 -17.48 12.51
CA PRO A 402 21.36 -18.73 11.89
C PRO A 402 21.28 -19.88 12.90
N ALA A 403 21.58 -19.64 14.18
CA ALA A 403 21.52 -20.65 15.27
C ALA A 403 20.18 -20.52 15.98
N GLN A 404 19.36 -19.55 15.58
CA GLN A 404 17.98 -19.36 16.08
C GLN A 404 17.00 -19.83 14.99
N LEU A 405 15.70 -19.55 15.17
CA LEU A 405 14.62 -20.31 14.52
C LEU A 405 14.27 -19.67 13.17
N PRO A 406 14.00 -20.52 12.15
CA PRO A 406 13.62 -20.07 10.82
C PRO A 406 12.09 -19.88 10.78
N ALA A 407 11.59 -19.24 9.74
CA ALA A 407 10.13 -19.19 9.47
C ALA A 407 9.59 -20.61 9.34
N PRO A 408 8.38 -20.90 9.84
CA PRO A 408 7.79 -22.21 9.63
C PRO A 408 7.60 -22.48 8.13
N ARG A 409 7.96 -23.68 7.69
CA ARG A 409 7.67 -24.22 6.32
C ARG A 409 6.51 -25.21 6.46
N THR A 410 5.29 -24.69 6.32
CA THR A 410 4.03 -25.43 6.59
C THR A 410 3.95 -26.68 5.72
N LEU A 411 4.50 -26.66 4.50
CA LEU A 411 4.47 -27.83 3.57
C LEU A 411 5.57 -28.85 3.90
N LEU A 412 6.70 -28.40 4.45
CA LEU A 412 7.85 -29.28 4.78
C LEU A 412 7.52 -30.24 5.94
N THR A 413 7.49 -31.53 5.64
CA THR A 413 7.18 -32.65 6.57
C THR A 413 8.30 -33.68 6.57
N LYS A 414 9.18 -33.71 5.56
CA LYS A 414 10.25 -34.75 5.47
C LYS A 414 11.65 -34.12 5.50
N GLY A 415 12.41 -34.39 6.56
CA GLY A 415 13.77 -33.89 6.77
C GLY A 415 13.74 -32.53 7.45
N THR A 416 14.84 -32.14 8.06
CA THR A 416 14.96 -30.84 8.78
C THR A 416 15.74 -29.89 7.86
N LEU A 417 15.29 -28.64 7.84
CA LEU A 417 15.96 -27.52 7.14
C LEU A 417 17.13 -27.01 7.99
N GLU A 418 18.35 -27.24 7.54
CA GLU A 418 19.57 -26.79 8.27
C GLU A 418 19.71 -25.27 8.12
N PRO A 419 20.37 -24.59 9.08
CA PRO A 419 20.54 -23.12 9.03
C PRO A 419 21.04 -22.54 7.70
N GLU A 420 21.99 -23.20 7.04
CA GLU A 420 22.61 -22.74 5.78
C GLU A 420 21.59 -22.70 4.62
N TYR A 421 20.35 -23.13 4.82
CA TYR A 421 19.30 -23.16 3.77
C TYR A 421 18.08 -22.33 4.19
N PHE A 422 18.15 -21.59 5.31
CA PHE A 422 17.04 -20.74 5.81
C PHE A 422 16.71 -19.73 4.72
N ASN A 423 17.75 -19.19 4.08
CA ASN A 423 17.69 -18.05 3.11
C ASN A 423 19.13 -17.71 2.72
N SER A 424 19.30 -16.79 1.78
CA SER A 424 20.62 -16.47 1.15
C SER A 424 21.57 -15.81 2.16
N VAL A 425 21.05 -15.04 3.10
CA VAL A 425 21.89 -14.38 4.14
C VAL A 425 22.43 -15.48 5.07
N CYS A 426 21.56 -16.36 5.58
CA CYS A 426 22.00 -17.44 6.51
C CYS A 426 23.00 -18.32 5.79
N ARG A 427 22.82 -18.56 4.49
CA ARG A 427 23.72 -19.44 3.71
C ARG A 427 25.13 -18.82 3.69
N LEU A 428 25.21 -17.52 3.40
CA LEU A 428 26.50 -16.80 3.42
C LEU A 428 27.10 -16.94 4.83
N MET A 429 26.29 -16.70 5.87
CA MET A 429 26.79 -16.72 7.27
C MET A 429 27.32 -18.13 7.57
N LYS A 430 26.72 -19.20 7.05
CA LYS A 430 27.13 -20.57 7.46
C LYS A 430 28.28 -21.08 6.59
N THR A 431 28.49 -20.51 5.40
CA THR A 431 29.55 -20.97 4.44
C THR A 431 30.82 -20.12 4.60
N ILE A 432 30.77 -18.85 4.21
CA ILE A 432 31.94 -17.90 4.22
C ILE A 432 32.04 -17.23 5.60
N GLY A 433 31.03 -17.39 6.45
CA GLY A 433 31.00 -16.75 7.78
C GLY A 433 30.36 -15.38 7.68
N PRO A 434 29.85 -14.81 8.80
CA PRO A 434 29.23 -13.48 8.77
C PRO A 434 30.34 -12.41 8.65
N ASP A 435 30.03 -11.22 8.15
CA ASP A 435 31.02 -10.10 8.10
C ASP A 435 31.45 -9.72 9.52
N MET A 436 30.50 -9.76 10.45
CA MET A 436 30.68 -9.26 11.84
C MET A 436 30.00 -10.26 12.78
N PHE A 437 30.63 -10.55 13.92
CA PHE A 437 30.12 -11.49 14.96
C PHE A 437 30.13 -10.76 16.32
N LEU A 438 28.97 -10.62 16.98
CA LEU A 438 28.91 -10.14 18.39
C LEU A 438 29.21 -11.35 19.30
N GLY A 439 30.37 -11.34 19.93
CA GLY A 439 30.98 -12.54 20.54
C GLY A 439 30.69 -12.66 22.03
N THR A 440 30.02 -11.70 22.67
CA THR A 440 29.92 -11.67 24.15
C THR A 440 28.44 -11.57 24.55
N CYS A 441 27.92 -12.66 25.11
CA CYS A 441 26.50 -12.73 25.61
C CYS A 441 26.46 -11.99 26.97
N ARG A 442 25.66 -10.93 27.06
CA ARG A 442 25.52 -10.05 28.26
C ARG A 442 24.25 -10.46 29.02
N ARG A 443 23.35 -11.24 28.42
CA ARG A 443 22.04 -11.56 29.07
C ARG A 443 22.17 -12.74 30.04
N CYS A 444 22.94 -13.78 29.68
CA CYS A 444 22.70 -15.15 30.21
C CYS A 444 23.74 -15.50 31.26
N PRO A 445 23.38 -16.26 32.30
CA PRO A 445 24.37 -16.83 33.20
C PRO A 445 25.29 -17.79 32.43
N ALA A 446 26.53 -17.90 32.88
CA ALA A 446 27.62 -18.60 32.12
C ALA A 446 27.24 -20.06 31.83
N GLU A 447 26.42 -20.70 32.66
CA GLU A 447 26.00 -22.12 32.47
C GLU A 447 25.33 -22.26 31.09
N ILE A 448 24.41 -21.36 30.78
CA ILE A 448 23.66 -21.27 29.51
C ILE A 448 24.62 -20.85 28.38
N VAL A 449 25.36 -19.76 28.55
CA VAL A 449 26.31 -19.29 27.50
C VAL A 449 27.24 -20.46 27.09
N ASP A 450 27.91 -21.08 28.05
CA ASP A 450 28.85 -22.20 27.77
C ASP A 450 28.10 -23.33 27.06
N THR A 451 26.84 -23.60 27.40
CA THR A 451 26.12 -24.75 26.79
C THR A 451 25.90 -24.45 25.30
N VAL A 452 25.32 -23.29 24.99
CA VAL A 452 24.98 -22.89 23.60
C VAL A 452 26.28 -22.58 22.81
N SER A 453 27.26 -21.91 23.41
CA SER A 453 28.60 -21.69 22.79
C SER A 453 29.08 -23.00 22.18
N ALA A 454 29.15 -24.07 22.97
CA ALA A 454 29.60 -25.39 22.47
C ALA A 454 28.55 -25.94 21.48
N LEU A 455 27.25 -25.75 21.75
CA LEU A 455 26.21 -26.46 20.95
C LEU A 455 26.18 -25.91 19.52
N VAL A 456 26.06 -24.59 19.33
CA VAL A 456 25.74 -24.01 17.98
C VAL A 456 26.75 -22.94 17.54
N TYR A 457 27.66 -22.46 18.41
CA TYR A 457 28.50 -21.28 18.11
C TYR A 457 29.99 -21.66 18.00
N ASP A 458 30.29 -22.95 17.85
CA ASP A 458 31.68 -23.49 17.75
C ASP A 458 32.57 -22.87 18.83
N ASN A 459 32.08 -22.77 20.07
CA ASN A 459 32.89 -22.29 21.23
C ASN A 459 33.36 -20.85 21.03
N LYS A 460 32.67 -20.05 20.21
CA LYS A 460 33.03 -18.63 19.95
C LYS A 460 32.16 -17.67 20.75
N LEU A 461 31.08 -18.12 21.41
CA LEU A 461 30.27 -17.19 22.26
C LEU A 461 30.87 -17.15 23.68
N LYS A 462 31.14 -15.94 24.19
CA LYS A 462 31.76 -15.74 25.52
C LYS A 462 30.69 -15.16 26.46
N ALA A 463 30.77 -15.53 27.74
CA ALA A 463 29.82 -15.12 28.80
C ALA A 463 30.41 -13.89 29.47
N HIS A 464 29.62 -12.82 29.54
CA HIS A 464 29.90 -11.64 30.37
C HIS A 464 29.59 -11.97 31.84
N LYS A 465 28.39 -12.49 32.11
CA LYS A 465 27.93 -12.79 33.49
C LYS A 465 28.70 -14.00 34.02
N ASP A 466 28.74 -14.11 35.34
CA ASP A 466 29.25 -15.30 36.08
C ASP A 466 28.18 -16.38 35.90
N LYS A 467 28.53 -17.64 36.17
CA LYS A 467 27.56 -18.72 36.53
C LYS A 467 26.66 -18.22 37.65
N SER A 468 25.35 -18.38 37.50
CA SER A 468 24.32 -17.89 38.45
C SER A 468 24.11 -18.90 39.57
N ALA A 469 24.51 -20.15 39.35
CA ALA A 469 24.19 -21.30 40.23
C ALA A 469 22.66 -21.46 40.39
N GLN A 470 21.88 -20.94 39.45
CA GLN A 470 20.40 -21.03 39.44
C GLN A 470 19.91 -21.65 38.13
N CYS A 471 20.77 -22.42 37.46
CA CYS A 471 20.48 -23.16 36.21
C CYS A 471 20.57 -24.65 36.55
N PHE A 472 19.44 -25.34 36.43
CA PHE A 472 19.14 -26.69 36.92
C PHE A 472 18.61 -27.53 35.75
N LYS A 473 18.92 -28.83 35.78
CA LYS A 473 18.43 -29.78 34.78
C LYS A 473 17.93 -30.99 35.56
N MET A 474 16.82 -31.54 35.09
CA MET A 474 16.29 -32.81 35.59
C MET A 474 15.95 -33.69 34.39
N PHE A 475 16.44 -34.92 34.40
CA PHE A 475 16.11 -35.92 33.36
C PHE A 475 14.82 -36.65 33.77
N TYR A 476 13.70 -36.33 33.13
CA TYR A 476 12.36 -36.90 33.50
C TYR A 476 11.45 -37.08 32.28
N LYS A 477 11.38 -38.30 31.73
CA LYS A 477 10.65 -38.60 30.46
C LYS A 477 9.14 -38.46 30.63
N GLY A 478 8.61 -38.84 31.79
CA GLY A 478 7.20 -38.60 32.12
C GLY A 478 6.30 -39.38 31.18
N VAL A 479 5.18 -38.80 30.77
CA VAL A 479 4.18 -39.54 29.94
C VAL A 479 3.71 -38.53 28.92
N ILE A 480 3.68 -38.93 27.65
CA ILE A 480 3.35 -38.02 26.53
C ILE A 480 1.95 -38.39 26.05
N THR A 481 1.04 -37.40 26.10
CA THR A 481 -0.34 -37.50 25.60
C THR A 481 -0.35 -36.48 24.45
N HIS A 482 -1.35 -36.52 23.59
CA HIS A 482 -1.41 -35.64 22.41
C HIS A 482 -2.80 -35.07 22.26
N ASP A 483 -2.88 -33.74 22.19
CA ASP A 483 -4.06 -32.96 21.72
C ASP A 483 -3.96 -32.93 20.19
N VAL A 484 -4.50 -33.95 19.54
CA VAL A 484 -4.32 -34.17 18.07
C VAL A 484 -2.84 -34.52 17.87
N SER A 485 -2.02 -33.58 17.36
CA SER A 485 -0.56 -33.77 17.13
C SER A 485 0.28 -32.99 18.15
N SER A 486 -0.26 -31.90 18.71
CA SER A 486 0.40 -31.10 19.79
C SER A 486 0.53 -31.98 21.04
N ALA A 487 1.70 -31.95 21.68
CA ALA A 487 2.08 -32.91 22.74
C ALA A 487 1.87 -32.28 24.13
N ILE A 488 1.62 -33.13 25.13
CA ILE A 488 1.45 -32.75 26.56
C ILE A 488 2.26 -33.74 27.39
N ASN A 489 2.90 -33.28 28.49
CA ASN A 489 3.63 -34.16 29.44
C ASN A 489 3.27 -33.76 30.87
N ARG A 490 2.19 -34.34 31.40
CA ARG A 490 1.60 -33.91 32.68
C ARG A 490 2.60 -34.21 33.79
N PRO A 491 3.25 -35.38 33.84
CA PRO A 491 4.29 -35.59 34.85
C PRO A 491 5.36 -34.47 34.83
N GLN A 492 5.83 -34.00 33.68
CA GLN A 492 6.89 -32.96 33.63
C GLN A 492 6.37 -31.67 34.25
N ILE A 493 5.11 -31.34 34.01
CA ILE A 493 4.40 -30.21 34.67
C ILE A 493 4.24 -30.45 36.18
N GLY A 494 4.10 -31.71 36.59
CA GLY A 494 3.94 -32.17 37.97
C GLY A 494 5.23 -31.94 38.76
N VAL A 495 6.37 -32.42 38.23
CA VAL A 495 7.75 -32.17 38.72
C VAL A 495 7.99 -30.67 38.89
N VAL A 496 7.53 -29.86 37.96
CA VAL A 496 7.70 -28.40 38.04
C VAL A 496 6.89 -27.92 39.24
N ARG A 497 5.61 -28.31 39.32
CA ARG A 497 4.71 -27.88 40.42
C ARG A 497 5.39 -28.16 41.78
N GLU A 498 6.07 -29.31 41.95
CA GLU A 498 6.75 -29.72 43.19
C GLU A 498 7.98 -28.82 43.40
N PHE A 499 8.70 -28.51 42.32
CA PHE A 499 9.84 -27.57 42.34
C PHE A 499 9.37 -26.20 42.83
N LEU A 500 8.26 -25.68 42.29
CA LEU A 500 7.75 -24.33 42.69
C LEU A 500 7.46 -24.28 44.20
N THR A 501 7.03 -25.36 44.85
CA THR A 501 6.68 -25.27 46.28
C THR A 501 7.96 -25.07 47.11
N ARG A 502 9.11 -25.49 46.59
CA ARG A 502 10.41 -25.44 47.31
C ARG A 502 11.26 -24.25 46.82
N ASN A 503 10.80 -23.51 45.81
CA ASN A 503 11.64 -22.55 45.05
C ASN A 503 10.85 -21.29 44.78
N PRO A 504 10.37 -20.59 45.84
CA PRO A 504 9.41 -19.50 45.69
C PRO A 504 9.84 -18.37 44.74
N ALA A 505 11.14 -18.16 44.57
CA ALA A 505 11.72 -17.11 43.70
C ALA A 505 11.27 -17.32 42.24
N TRP A 506 10.96 -18.57 41.88
CA TRP A 506 10.66 -19.04 40.50
C TRP A 506 9.19 -18.82 40.17
N ARG A 507 8.39 -18.48 41.18
CA ARG A 507 6.96 -18.09 41.08
C ARG A 507 6.73 -17.08 39.95
N LYS A 508 7.76 -16.34 39.58
CA LYS A 508 7.70 -15.27 38.56
C LYS A 508 8.26 -15.82 37.24
N ALA A 509 8.55 -17.13 37.14
CA ALA A 509 9.15 -17.74 35.93
C ALA A 509 8.14 -17.69 34.76
N VAL A 510 8.67 -17.51 33.56
CA VAL A 510 7.98 -17.85 32.29
C VAL A 510 8.15 -19.35 32.07
N PHE A 511 7.05 -20.04 31.82
CA PHE A 511 6.99 -21.46 31.41
C PHE A 511 7.21 -21.56 29.89
N ILE A 512 8.21 -22.33 29.47
CA ILE A 512 8.48 -22.48 28.01
C ILE A 512 8.48 -23.97 27.66
N SER A 513 7.87 -24.29 26.53
CA SER A 513 7.85 -25.68 26.00
C SER A 513 7.68 -25.59 24.51
N PRO A 514 8.08 -26.62 23.75
CA PRO A 514 7.96 -26.57 22.29
C PRO A 514 6.52 -26.73 21.79
N TYR A 515 5.52 -26.84 22.67
CA TYR A 515 4.14 -27.26 22.29
C TYR A 515 3.07 -26.38 22.96
N ASN A 516 2.15 -25.88 22.14
CA ASN A 516 1.03 -25.04 22.58
C ASN A 516 0.23 -25.81 23.63
N SER A 517 0.00 -27.11 23.44
CA SER A 517 -0.95 -27.85 24.28
C SER A 517 -0.27 -28.11 25.62
N GLN A 518 1.05 -28.27 25.62
CA GLN A 518 1.83 -28.41 26.87
C GLN A 518 1.65 -27.12 27.70
N ASN A 519 1.75 -25.97 27.05
CA ASN A 519 1.64 -24.61 27.64
C ASN A 519 0.22 -24.34 28.17
N ALA A 520 -0.83 -24.70 27.43
CA ALA A 520 -2.24 -24.59 27.89
C ALA A 520 -2.42 -25.35 29.21
N VAL A 521 -1.92 -26.58 29.32
CA VAL A 521 -1.96 -27.37 30.59
C VAL A 521 -1.09 -26.69 31.68
N ALA A 522 0.12 -26.24 31.35
CA ALA A 522 1.05 -25.56 32.30
C ALA A 522 0.36 -24.31 32.88
N SER A 523 -0.32 -23.56 32.03
CA SER A 523 -1.05 -22.33 32.42
C SER A 523 -2.14 -22.63 33.48
N LYS A 524 -2.94 -23.69 33.30
CA LYS A 524 -4.02 -24.10 34.23
C LYS A 524 -3.43 -24.65 35.54
N ILE A 525 -2.46 -25.57 35.50
CA ILE A 525 -1.91 -26.22 36.73
C ILE A 525 -0.97 -25.24 37.46
N LEU A 526 -0.10 -24.50 36.75
CA LEU A 526 0.96 -23.65 37.38
C LEU A 526 0.51 -22.19 37.51
N GLY A 527 -0.31 -21.68 36.59
CA GLY A 527 -0.69 -20.25 36.58
C GLY A 527 0.42 -19.36 36.06
N LEU A 528 1.59 -19.91 35.69
CA LEU A 528 2.74 -19.14 35.15
C LEU A 528 2.37 -18.60 33.78
N PRO A 529 2.92 -17.45 33.36
CA PRO A 529 2.80 -17.00 31.98
C PRO A 529 3.53 -18.01 31.09
N THR A 530 3.04 -18.14 29.86
CA THR A 530 3.28 -19.32 28.99
C THR A 530 3.83 -18.81 27.64
N GLN A 531 4.77 -19.55 27.07
CA GLN A 531 5.42 -19.18 25.79
C GLN A 531 5.90 -20.47 25.11
N THR A 532 5.59 -20.66 23.83
CA THR A 532 6.30 -21.66 22.97
C THR A 532 7.70 -21.13 22.72
N VAL A 533 8.66 -22.01 22.50
CA VAL A 533 10.04 -21.55 22.18
C VAL A 533 9.95 -20.54 21.04
N ASP A 534 9.26 -20.91 19.96
CA ASP A 534 9.14 -20.05 18.74
C ASP A 534 8.63 -18.65 19.13
N SER A 535 7.59 -18.52 19.93
CA SER A 535 7.05 -17.18 20.30
C SER A 535 8.01 -16.45 21.28
N SER A 536 8.87 -17.16 22.03
CA SER A 536 9.78 -16.56 23.03
C SER A 536 10.94 -15.83 22.35
N GLN A 537 11.24 -16.15 21.09
CA GLN A 537 12.50 -15.71 20.43
C GLN A 537 12.47 -14.18 20.43
N GLY A 538 13.61 -13.53 20.64
CA GLY A 538 13.72 -12.07 20.82
C GLY A 538 13.35 -11.57 22.23
N SER A 539 12.91 -12.44 23.14
CA SER A 539 12.48 -12.06 24.51
C SER A 539 13.44 -12.60 25.58
N GLU A 540 13.34 -12.03 26.77
CA GLU A 540 14.19 -12.40 27.91
C GLU A 540 13.37 -12.25 29.18
N TYR A 541 13.69 -13.09 30.15
CA TYR A 541 12.97 -13.27 31.44
C TYR A 541 14.02 -13.62 32.48
N ASP A 542 13.81 -13.21 33.73
CA ASP A 542 14.78 -13.51 34.80
C ASP A 542 14.86 -15.03 34.95
N TYR A 543 13.73 -15.70 35.11
CA TYR A 543 13.63 -17.16 35.33
C TYR A 543 12.79 -17.80 34.23
N VAL A 544 13.27 -18.93 33.74
CA VAL A 544 12.55 -19.70 32.70
C VAL A 544 12.36 -21.12 33.22
N ILE A 545 11.19 -21.69 33.03
CA ILE A 545 11.00 -23.15 33.24
C ILE A 545 10.66 -23.72 31.87
N PHE A 546 11.48 -24.69 31.46
CA PHE A 546 11.43 -25.39 30.17
C PHE A 546 11.12 -26.86 30.42
N THR A 547 10.02 -27.37 29.85
CA THR A 547 9.74 -28.81 29.81
C THR A 547 9.86 -29.24 28.35
N GLN A 548 10.83 -30.10 28.05
CA GLN A 548 11.09 -30.52 26.65
C GLN A 548 9.84 -31.21 26.07
N THR A 549 9.00 -31.79 26.93
CA THR A 549 7.68 -32.44 26.66
C THR A 549 7.87 -33.80 25.98
N THR A 550 8.68 -33.83 24.91
CA THR A 550 8.91 -35.04 24.10
C THR A 550 10.37 -35.14 23.69
N GLU A 551 10.74 -36.25 23.06
CA GLU A 551 12.07 -36.53 22.45
C GLU A 551 11.96 -36.48 20.92
N THR A 552 10.99 -35.75 20.33
CA THR A 552 10.79 -35.62 18.86
C THR A 552 11.86 -34.72 18.18
N ALA A 553 11.93 -34.75 16.86
CA ALA A 553 12.81 -33.89 16.05
C ALA A 553 12.55 -32.39 16.35
N HIS A 554 11.28 -32.02 16.50
CA HIS A 554 10.79 -30.68 16.86
C HIS A 554 11.43 -30.26 18.20
N SER A 555 11.33 -31.11 19.22
CA SER A 555 11.73 -30.79 20.60
C SER A 555 13.24 -30.96 20.82
N CYS A 556 13.94 -31.59 19.87
CA CYS A 556 15.40 -31.84 19.97
C CYS A 556 16.15 -30.93 19.00
N ASN A 557 15.45 -30.13 18.21
CA ASN A 557 16.06 -29.24 17.22
C ASN A 557 17.06 -28.32 17.97
N VAL A 558 18.34 -28.28 17.57
CA VAL A 558 19.38 -27.56 18.37
C VAL A 558 19.12 -26.06 18.30
N ASN A 559 18.56 -25.56 17.21
CA ASN A 559 18.22 -24.12 17.17
C ASN A 559 17.16 -23.85 18.23
N ARG A 560 16.03 -24.56 18.19
CA ARG A 560 14.93 -24.36 19.17
C ARG A 560 15.46 -24.48 20.60
N PHE A 561 16.31 -25.47 20.88
CA PHE A 561 16.91 -25.69 22.22
C PHE A 561 17.79 -24.50 22.63
N ASN A 562 18.55 -23.96 21.68
CA ASN A 562 19.43 -22.77 21.84
C ASN A 562 18.55 -21.59 22.26
N VAL A 563 17.48 -21.29 21.50
CA VAL A 563 16.52 -20.19 21.81
C VAL A 563 15.83 -20.42 23.17
N ALA A 564 15.36 -21.62 23.48
CA ALA A 564 14.70 -21.95 24.77
C ALA A 564 15.50 -21.48 25.99
N ILE A 565 16.76 -21.89 26.13
CA ILE A 565 17.56 -21.71 27.36
C ILE A 565 18.29 -20.34 27.39
N THR A 566 18.46 -19.62 26.27
CA THR A 566 19.01 -18.25 26.19
C THR A 566 17.90 -17.21 26.34
N ARG A 567 16.70 -17.57 26.80
CA ARG A 567 15.67 -16.58 27.20
C ARG A 567 15.98 -16.08 28.62
N ALA A 568 16.79 -16.80 29.41
CA ALA A 568 16.91 -16.62 30.87
C ALA A 568 18.06 -15.67 31.21
N LYS A 569 17.76 -14.65 32.00
CA LYS A 569 18.75 -13.69 32.56
C LYS A 569 19.39 -14.16 33.87
N VAL A 570 18.72 -15.00 34.67
CA VAL A 570 19.14 -15.33 36.07
C VAL A 570 19.09 -16.84 36.30
N GLY A 571 17.92 -17.44 36.15
CA GLY A 571 17.73 -18.89 36.35
C GLY A 571 16.98 -19.55 35.21
N ILE A 572 17.25 -20.84 35.02
CA ILE A 572 16.46 -21.73 34.12
C ILE A 572 16.30 -23.10 34.79
N LEU A 573 15.10 -23.70 34.75
CA LEU A 573 14.92 -25.13 35.06
C LEU A 573 14.48 -25.84 33.77
N CYS A 574 15.21 -26.88 33.37
CA CYS A 574 14.97 -27.69 32.16
C CYS A 574 14.65 -29.10 32.60
N ILE A 575 13.42 -29.49 32.36
CA ILE A 575 12.92 -30.87 32.54
C ILE A 575 13.00 -31.47 31.14
N MET A 576 13.99 -32.33 30.96
CA MET A 576 14.46 -32.91 29.69
C MET A 576 13.94 -34.34 29.51
N SER A 577 13.64 -34.66 28.28
CA SER A 577 13.25 -36.00 27.79
C SER A 577 14.42 -36.63 27.04
N ASP A 578 15.29 -35.80 26.46
CA ASP A 578 16.36 -36.24 25.54
C ASP A 578 17.69 -36.32 26.29
N ARG A 579 18.31 -37.50 26.28
CA ARG A 579 19.55 -37.79 27.06
C ARG A 579 20.69 -36.92 26.54
N ASP A 580 20.82 -36.85 25.23
CA ASP A 580 21.86 -36.09 24.49
C ASP A 580 21.85 -34.63 24.94
N LEU A 581 20.72 -33.93 24.79
CA LEU A 581 20.64 -32.48 25.14
C LEU A 581 20.72 -32.32 26.65
N TYR A 582 20.19 -33.28 27.42
CA TYR A 582 20.27 -33.26 28.90
C TYR A 582 21.75 -33.23 29.30
N ASP A 583 22.55 -34.14 28.73
CA ASP A 583 23.98 -34.36 29.10
C ASP A 583 24.78 -33.10 28.67
N LYS A 584 24.42 -32.48 27.55
CA LYS A 584 25.07 -31.24 27.04
C LYS A 584 24.81 -30.06 27.98
N LEU A 585 23.70 -30.05 28.74
CA LEU A 585 23.40 -28.88 29.60
C LEU A 585 24.47 -28.81 30.70
N GLN A 586 25.18 -27.69 30.79
CA GLN A 586 26.23 -27.50 31.82
C GLN A 586 25.55 -26.92 33.05
N PHE A 587 24.51 -27.62 33.53
CA PHE A 587 23.63 -27.17 34.62
C PHE A 587 23.84 -28.14 35.78
N THR A 588 23.50 -27.68 36.98
CA THR A 588 23.39 -28.49 38.20
C THR A 588 22.24 -29.49 38.01
N SER A 589 22.48 -30.79 38.09
CA SER A 589 21.36 -31.75 37.98
C SER A 589 20.57 -31.81 39.30
N LEU A 590 19.24 -31.92 39.22
CA LEU A 590 18.32 -32.13 40.38
C LEU A 590 17.87 -33.58 40.45
N GLU A 591 17.51 -34.07 41.64
CA GLU A 591 16.94 -35.43 41.87
C GLU A 591 15.40 -35.36 41.98
N ILE A 592 14.74 -36.50 41.73
CA ILE A 592 13.27 -36.83 41.85
C ILE A 592 12.69 -36.88 40.43
N VAL B 2 20.16 16.86 2.42
CA VAL B 2 20.66 17.58 1.19
C VAL B 2 19.76 17.22 0.01
N GLY B 3 19.57 18.18 -0.91
CA GLY B 3 18.74 18.05 -2.11
C GLY B 3 18.85 19.28 -3.00
N ALA B 4 17.94 19.42 -3.95
CA ALA B 4 17.96 20.44 -5.01
C ALA B 4 16.93 21.52 -4.71
N CYS B 5 17.28 22.77 -5.04
CA CYS B 5 16.46 23.98 -4.76
C CYS B 5 15.19 23.92 -5.62
N VAL B 6 14.05 24.36 -5.08
CA VAL B 6 12.74 24.32 -5.81
C VAL B 6 12.61 25.55 -6.70
N LEU B 7 13.52 26.52 -6.62
CA LEU B 7 13.47 27.74 -7.48
C LEU B 7 14.62 27.74 -8.49
N CYS B 8 15.79 27.24 -8.08
CA CYS B 8 17.09 27.34 -8.82
C CYS B 8 17.51 25.98 -9.35
N ASN B 9 17.25 24.94 -8.57
CA ASN B 9 17.80 23.57 -8.74
C ASN B 9 19.17 23.49 -8.07
N SER B 10 19.93 24.60 -8.01
CA SER B 10 21.24 24.70 -7.30
C SER B 10 21.24 23.74 -6.10
N GLN B 11 22.23 22.83 -6.02
CA GLN B 11 22.38 21.86 -4.90
C GLN B 11 22.30 22.64 -3.59
N THR B 12 21.86 22.02 -2.49
CA THR B 12 21.64 22.75 -1.21
C THR B 12 21.56 21.80 -0.01
N SER B 13 21.87 22.33 1.18
CA SER B 13 21.81 21.64 2.50
C SER B 13 20.73 22.29 3.40
N LEU B 14 19.84 23.08 2.79
CA LEU B 14 18.86 23.94 3.51
C LEU B 14 17.44 23.61 3.04
N ARG B 15 16.53 23.45 4.00
CA ARG B 15 15.06 23.39 3.80
C ARG B 15 14.43 24.51 4.64
N CYS B 16 13.39 25.18 4.15
CA CYS B 16 12.59 26.12 4.97
C CYS B 16 11.74 25.34 5.96
N GLY B 17 11.94 25.57 7.25
CA GLY B 17 11.26 24.82 8.33
C GLY B 17 9.86 25.35 8.60
N ALA B 18 9.56 26.59 8.18
CA ALA B 18 8.22 27.19 8.34
C ALA B 18 7.26 26.67 7.25
N CYS B 19 7.74 26.54 6.00
CA CYS B 19 6.99 25.88 4.89
C CYS B 19 6.57 24.47 5.31
N ILE B 20 5.29 24.13 5.12
CA ILE B 20 4.75 22.83 5.62
C ILE B 20 5.37 21.68 4.81
N ARG B 21 5.82 21.91 3.58
CA ARG B 21 6.47 20.88 2.72
C ARG B 21 8.00 20.84 2.93
N ARG B 22 8.55 21.79 3.69
CA ARG B 22 10.01 21.92 3.95
C ARG B 22 10.80 21.83 2.65
N PRO B 23 10.51 22.69 1.65
CA PRO B 23 11.19 22.62 0.36
C PRO B 23 12.67 23.00 0.44
N PHE B 24 13.55 22.25 -0.24
CA PHE B 24 14.99 22.59 -0.38
C PHE B 24 15.08 23.96 -1.06
N LEU B 25 15.77 24.90 -0.41
CA LEU B 25 16.04 26.26 -0.93
C LEU B 25 17.55 26.52 -0.83
N CYS B 26 18.17 27.02 -1.89
CA CYS B 26 19.63 27.26 -1.95
C CYS B 26 19.99 28.41 -1.01
N CYS B 27 21.29 28.64 -0.80
CA CYS B 27 21.79 29.77 0.03
C CYS B 27 21.07 31.06 -0.41
N LYS B 28 20.95 31.28 -1.72
CA LYS B 28 20.45 32.58 -2.24
C LYS B 28 18.92 32.64 -2.08
N CYS B 29 18.20 31.58 -2.47
CA CYS B 29 16.71 31.57 -2.56
C CYS B 29 16.15 31.51 -1.13
N CYS B 30 16.80 30.73 -0.25
CA CYS B 30 16.49 30.62 1.20
C CYS B 30 16.50 32.01 1.84
N TYR B 31 17.57 32.78 1.60
CA TYR B 31 17.73 34.18 2.09
C TYR B 31 16.56 35.03 1.61
N ASP B 32 16.36 35.11 0.29
CA ASP B 32 15.33 36.02 -0.29
C ASP B 32 13.95 35.67 0.28
N HIS B 33 13.73 34.39 0.64
CA HIS B 33 12.43 33.89 1.18
C HIS B 33 12.29 34.31 2.65
N VAL B 34 13.29 34.03 3.48
CA VAL B 34 13.25 34.34 4.94
C VAL B 34 13.15 35.85 5.16
N ILE B 35 13.78 36.68 4.30
CA ILE B 35 13.85 38.16 4.52
C ILE B 35 12.54 38.81 4.05
N SER B 36 11.76 38.15 3.19
CA SER B 36 10.53 38.73 2.58
C SER B 36 9.25 38.14 3.18
N THR B 37 9.33 37.11 4.04
CA THR B 37 8.16 36.46 4.68
C THR B 37 8.40 36.34 6.19
N SER B 38 7.43 35.78 6.92
CA SER B 38 7.52 35.45 8.37
C SER B 38 8.31 34.15 8.58
N HIS B 39 8.64 33.45 7.49
CA HIS B 39 9.33 32.14 7.53
C HIS B 39 10.80 32.37 7.91
N LYS B 40 11.22 31.97 9.11
CA LYS B 40 12.62 32.20 9.60
C LYS B 40 13.23 30.90 10.14
N LEU B 41 12.47 29.82 10.31
CA LEU B 41 13.08 28.53 10.70
C LEU B 41 13.68 27.91 9.46
N VAL B 42 15.01 27.69 9.45
CA VAL B 42 15.75 27.06 8.33
C VAL B 42 16.32 25.74 8.86
N LEU B 43 16.13 24.64 8.12
CA LEU B 43 16.57 23.29 8.54
C LEU B 43 17.78 22.89 7.68
N SER B 44 18.75 22.20 8.28
CA SER B 44 19.92 21.58 7.62
C SER B 44 20.11 20.15 8.15
N VAL B 45 21.35 19.70 8.33
CA VAL B 45 21.67 18.39 8.98
C VAL B 45 20.99 18.41 10.34
N ASN B 46 21.17 19.51 11.06
CA ASN B 46 20.42 19.91 12.28
C ASN B 46 19.49 21.05 11.89
N PRO B 47 18.52 21.44 12.74
CA PRO B 47 17.79 22.68 12.52
C PRO B 47 18.65 23.89 12.95
N TYR B 48 18.48 25.03 12.29
CA TYR B 48 19.14 26.30 12.69
C TYR B 48 18.37 26.88 13.87
N VAL B 49 18.69 26.35 15.05
CA VAL B 49 18.13 26.77 16.37
C VAL B 49 19.32 26.93 17.32
N CYS B 50 19.24 27.81 18.33
CA CYS B 50 20.28 27.97 19.36
C CYS B 50 20.45 26.63 20.10
N ASN B 51 21.66 26.08 20.09
CA ASN B 51 22.05 24.79 20.73
C ASN B 51 22.40 25.02 22.22
N ALA B 52 22.32 26.26 22.71
CA ALA B 52 22.51 26.58 24.14
C ALA B 52 21.29 26.10 24.91
N PRO B 53 21.45 25.46 26.10
CA PRO B 53 20.32 24.89 26.85
C PRO B 53 19.26 25.92 27.27
N GLY B 54 17.98 25.63 26.99
CA GLY B 54 16.82 26.43 27.42
C GLY B 54 16.78 27.80 26.75
N CYS B 55 17.35 27.90 25.53
CA CYS B 55 17.21 29.07 24.61
C CYS B 55 16.28 28.71 23.45
N ASP B 56 15.35 29.60 23.10
CA ASP B 56 14.25 29.34 22.12
C ASP B 56 14.42 30.23 20.88
N VAL B 57 15.66 30.56 20.47
CA VAL B 57 15.89 31.34 19.23
C VAL B 57 15.95 30.37 18.05
N THR B 58 15.00 30.51 17.13
CA THR B 58 14.78 29.71 15.88
C THR B 58 14.92 30.58 14.63
N ASP B 59 14.76 31.92 14.75
CA ASP B 59 14.90 32.90 13.64
C ASP B 59 16.36 32.89 13.14
N VAL B 60 16.56 32.53 11.87
CA VAL B 60 17.88 32.35 11.19
C VAL B 60 18.60 33.71 11.12
N THR B 61 17.87 34.81 10.98
CA THR B 61 18.45 36.18 10.87
C THR B 61 19.09 36.58 12.21
N GLN B 62 18.74 35.90 13.31
CA GLN B 62 19.21 36.17 14.69
C GLN B 62 20.17 35.06 15.17
N LEU B 63 20.73 34.23 14.29
CA LEU B 63 21.56 33.07 14.72
C LEU B 63 22.92 33.08 14.01
N TYR B 64 23.91 32.40 14.62
CA TYR B 64 25.34 32.38 14.25
C TYR B 64 25.89 30.95 14.37
N LEU B 65 26.82 30.58 13.49
CA LEU B 65 27.65 29.34 13.63
C LEU B 65 28.78 29.62 14.63
N GLY B 66 28.72 29.01 15.81
CA GLY B 66 29.76 29.04 16.86
C GLY B 66 30.55 27.73 16.92
N GLY B 67 31.50 27.57 15.98
CA GLY B 67 32.31 26.34 15.84
C GLY B 67 31.65 25.36 14.88
N MET B 68 30.93 24.36 15.42
CA MET B 68 30.16 23.36 14.64
C MET B 68 28.67 23.35 15.07
N SER B 69 28.30 24.18 16.05
CA SER B 69 26.90 24.34 16.56
C SER B 69 26.36 25.72 16.16
N TYR B 70 25.08 25.98 16.43
CA TYR B 70 24.38 27.26 16.13
C TYR B 70 23.97 27.88 17.46
N TYR B 71 24.15 29.20 17.58
CA TYR B 71 23.80 30.00 18.78
C TYR B 71 23.19 31.32 18.32
N CYS B 72 22.38 31.93 19.18
CA CYS B 72 21.82 33.28 18.98
C CYS B 72 22.90 34.32 19.34
N LYS B 73 22.52 35.61 19.31
CA LYS B 73 23.40 36.74 19.69
C LYS B 73 23.91 36.49 21.12
N SER B 74 23.01 36.13 22.04
CA SER B 74 23.24 36.06 23.51
C SER B 74 24.18 34.91 23.89
N HIS B 75 24.23 33.85 23.10
CA HIS B 75 24.88 32.57 23.49
C HIS B 75 26.07 32.23 22.57
N LYS B 76 26.33 33.03 21.54
CA LYS B 76 27.41 32.72 20.58
C LYS B 76 28.75 32.77 21.32
N PRO B 77 29.77 32.01 20.87
CA PRO B 77 31.13 32.18 21.36
C PRO B 77 31.83 33.35 20.68
N PRO B 78 33.05 33.75 21.13
CA PRO B 78 33.75 34.88 20.54
C PRO B 78 33.88 34.75 19.01
N ILE B 79 34.39 33.61 18.55
CA ILE B 79 34.61 33.32 17.10
C ILE B 79 33.37 32.61 16.56
N SER B 80 32.57 33.33 15.78
CA SER B 80 31.29 32.88 15.17
C SER B 80 30.96 33.76 13.96
N PHE B 81 30.40 33.20 12.87
CA PHE B 81 29.89 34.00 11.73
C PHE B 81 28.39 33.78 11.57
N PRO B 82 27.62 34.84 11.22
CA PRO B 82 26.17 34.76 11.15
C PRO B 82 25.74 33.82 10.03
N LEU B 83 24.50 33.32 10.08
CA LEU B 83 23.96 32.44 9.01
C LEU B 83 23.43 33.30 7.85
N CYS B 84 22.91 34.51 8.12
CA CYS B 84 22.47 35.50 7.10
C CYS B 84 23.51 36.60 6.88
N ALA B 85 23.97 36.74 5.64
CA ALA B 85 24.90 37.81 5.19
C ALA B 85 25.01 37.73 3.67
N ASN B 86 25.35 38.84 3.03
CA ASN B 86 25.66 38.85 1.57
C ASN B 86 24.53 38.18 0.79
N GLY B 87 23.27 38.42 1.18
CA GLY B 87 22.06 37.91 0.50
C GLY B 87 22.06 36.39 0.43
N GLN B 88 22.66 35.72 1.42
CA GLN B 88 22.71 34.24 1.49
C GLN B 88 22.45 33.76 2.93
N VAL B 89 21.95 32.54 3.06
CA VAL B 89 21.84 31.78 4.35
C VAL B 89 22.99 30.77 4.34
N PHE B 90 23.61 30.51 5.48
CA PHE B 90 24.80 29.63 5.52
C PHE B 90 24.36 28.16 5.40
N GLY B 91 24.97 27.46 4.43
CA GLY B 91 24.82 26.01 4.19
C GLY B 91 25.85 25.51 3.21
N LEU B 92 25.86 24.20 2.94
CA LEU B 92 26.73 23.55 1.92
C LEU B 92 26.45 24.14 0.52
N TYR B 93 27.37 23.92 -0.41
CA TYR B 93 27.25 24.27 -1.85
C TYR B 93 26.87 25.75 -2.00
N LYS B 94 27.49 26.62 -1.20
CA LYS B 94 27.36 28.10 -1.25
C LYS B 94 27.95 28.65 -2.57
N ASN B 95 28.99 27.98 -3.10
CA ASN B 95 29.73 28.40 -4.33
C ASN B 95 28.88 28.10 -5.59
N THR B 96 28.01 27.08 -5.55
CA THR B 96 27.02 26.75 -6.62
C THR B 96 25.63 27.31 -6.23
N CYS B 97 25.34 28.56 -6.60
CA CYS B 97 24.06 29.28 -6.35
C CYS B 97 23.83 30.32 -7.44
N VAL B 98 22.59 30.46 -7.92
CA VAL B 98 22.21 31.40 -9.02
C VAL B 98 21.14 32.40 -8.55
N GLY B 99 20.15 31.93 -7.76
CA GLY B 99 19.05 32.76 -7.24
C GLY B 99 17.90 32.83 -8.22
N SER B 100 17.03 33.84 -8.08
CA SER B 100 15.87 34.14 -8.96
C SER B 100 15.65 35.65 -9.06
N ASP B 101 15.02 36.13 -10.14
CA ASP B 101 14.71 37.55 -10.37
C ASP B 101 13.65 38.04 -9.36
N ASN B 102 12.63 37.23 -9.09
CA ASN B 102 11.48 37.54 -8.19
C ASN B 102 10.93 36.25 -7.56
N VAL B 103 11.42 35.92 -6.36
CA VAL B 103 10.99 34.78 -5.47
C VAL B 103 9.54 35.00 -5.01
N THR B 104 8.85 35.99 -5.58
CA THR B 104 7.51 36.49 -5.18
C THR B 104 6.42 35.40 -5.33
N ASP B 105 6.37 34.67 -6.46
CA ASP B 105 5.32 33.64 -6.72
C ASP B 105 5.48 32.54 -5.67
N PHE B 106 6.72 32.15 -5.37
CA PHE B 106 7.05 31.08 -4.39
C PHE B 106 6.56 31.49 -3.00
N ASN B 107 6.79 32.73 -2.60
CA ASN B 107 6.41 33.29 -1.27
C ASN B 107 4.88 33.18 -1.10
N ALA B 108 4.11 33.73 -2.05
CA ALA B 108 2.63 33.64 -2.10
C ALA B 108 2.18 32.17 -1.90
N ILE B 109 2.74 31.24 -2.68
CA ILE B 109 2.37 29.80 -2.59
C ILE B 109 2.72 29.31 -1.19
N ALA B 110 3.92 29.62 -0.72
CA ALA B 110 4.46 29.15 0.57
C ALA B 110 3.56 29.62 1.74
N THR B 111 2.90 30.78 1.61
CA THR B 111 2.31 31.51 2.76
C THR B 111 0.78 31.58 2.68
N CYS B 112 0.15 31.33 1.54
CA CYS B 112 -1.32 31.53 1.38
C CYS B 112 -2.07 30.41 2.09
N ASP B 113 -3.34 30.65 2.44
CA ASP B 113 -4.18 29.68 3.19
C ASP B 113 -5.13 28.90 2.26
N TRP B 114 -5.07 29.11 0.93
CA TRP B 114 -5.78 28.29 -0.10
C TRP B 114 -7.31 28.48 0.02
N THR B 115 -7.77 29.61 0.56
CA THR B 115 -9.21 29.93 0.77
C THR B 115 -9.68 30.83 -0.38
N ASN B 116 -8.76 31.45 -1.13
CA ASN B 116 -9.04 32.38 -2.26
C ASN B 116 -8.76 31.71 -3.61
N ALA B 117 -9.61 31.99 -4.60
CA ALA B 117 -9.48 31.48 -5.98
C ALA B 117 -8.11 31.89 -6.53
N GLY B 118 -7.68 33.12 -6.26
CA GLY B 118 -6.37 33.68 -6.65
C GLY B 118 -5.21 32.74 -6.32
N ASP B 119 -5.34 31.93 -5.29
CA ASP B 119 -4.24 31.04 -4.85
C ASP B 119 -4.08 29.92 -5.89
N TYR B 120 -5.21 29.36 -6.37
CA TYR B 120 -5.26 28.23 -7.31
C TYR B 120 -4.91 28.74 -8.70
N ILE B 121 -5.21 30.00 -9.00
CA ILE B 121 -4.90 30.66 -10.29
C ILE B 121 -3.38 30.70 -10.45
N LEU B 122 -2.70 31.15 -9.39
CA LEU B 122 -1.23 31.26 -9.31
C LEU B 122 -0.62 29.86 -9.36
N ALA B 123 -1.21 28.91 -8.65
CA ALA B 123 -0.72 27.50 -8.58
C ALA B 123 -0.78 26.87 -9.98
N ASN B 124 -1.53 27.47 -10.90
CA ASN B 124 -1.71 26.95 -12.27
C ASN B 124 -1.11 27.87 -13.33
N THR B 125 -0.59 29.06 -12.99
CA THR B 125 0.02 29.99 -13.99
C THR B 125 1.52 30.18 -13.71
N CYS B 126 2.04 29.64 -12.61
CA CYS B 126 3.45 29.76 -12.19
C CYS B 126 4.31 28.79 -13.00
N THR B 127 5.64 28.83 -12.85
CA THR B 127 6.55 27.90 -13.56
C THR B 127 6.19 26.47 -13.15
N GLU B 128 6.57 25.50 -13.99
CA GLU B 128 6.27 24.06 -13.77
C GLU B 128 6.72 23.66 -12.35
N ARG B 129 7.95 24.03 -11.96
CA ARG B 129 8.51 23.51 -10.69
C ARG B 129 7.63 24.00 -9.53
N LEU B 130 7.07 25.20 -9.62
CA LEU B 130 6.22 25.77 -8.53
C LEU B 130 4.80 25.20 -8.59
N LYS B 131 4.35 24.73 -9.77
CA LYS B 131 3.06 23.98 -9.89
C LYS B 131 3.12 22.75 -8.98
N LEU B 132 4.26 22.06 -8.96
CA LEU B 132 4.46 20.86 -8.12
C LEU B 132 4.48 21.28 -6.64
N PHE B 133 5.24 22.34 -6.30
CA PHE B 133 5.37 22.83 -4.90
C PHE B 133 3.99 23.29 -4.43
N ALA B 134 3.27 24.05 -5.25
CA ALA B 134 1.88 24.51 -4.94
C ALA B 134 0.97 23.29 -4.72
N ALA B 135 1.06 22.28 -5.60
CA ALA B 135 0.22 21.06 -5.57
C ALA B 135 0.47 20.28 -4.27
N GLU B 136 1.73 20.12 -3.89
CA GLU B 136 2.14 19.51 -2.59
C GLU B 136 1.63 20.37 -1.41
N THR B 137 1.89 21.67 -1.47
CA THR B 137 1.61 22.61 -0.36
C THR B 137 0.09 22.63 -0.12
N LEU B 138 -0.69 22.73 -1.19
CA LEU B 138 -2.18 22.75 -1.15
C LEU B 138 -2.70 21.43 -0.57
N LYS B 139 -2.18 20.31 -1.03
CA LYS B 139 -2.72 18.99 -0.61
C LYS B 139 -2.40 18.76 0.87
N ALA B 140 -1.15 19.02 1.29
CA ALA B 140 -0.74 18.92 2.70
C ALA B 140 -1.62 19.84 3.55
N THR B 141 -1.98 21.03 3.06
CA THR B 141 -2.82 21.99 3.79
C THR B 141 -4.25 21.45 3.89
N GLU B 142 -4.70 20.74 2.84
CA GLU B 142 -6.03 20.11 2.76
C GLU B 142 -6.07 19.01 3.82
N GLU B 143 -5.05 18.13 3.89
CA GLU B 143 -5.03 16.93 4.76
C GLU B 143 -4.88 17.33 6.24
N THR B 144 -4.15 18.41 6.52
CA THR B 144 -3.93 18.96 7.90
C THR B 144 -5.22 19.60 8.38
N PHE B 145 -5.93 20.29 7.50
CA PHE B 145 -7.25 20.90 7.81
C PHE B 145 -8.27 19.82 8.23
N LYS B 146 -8.11 18.58 7.78
CA LYS B 146 -9.02 17.47 8.18
C LYS B 146 -8.79 17.09 9.66
N LEU B 147 -7.58 17.31 10.19
CA LEU B 147 -7.21 17.06 11.62
C LEU B 147 -7.78 18.16 12.52
N SER B 148 -8.15 19.32 11.97
CA SER B 148 -8.74 20.45 12.73
C SER B 148 -10.17 20.11 13.14
N TYR B 149 -10.77 19.09 12.55
CA TYR B 149 -12.18 18.68 12.79
C TYR B 149 -12.31 17.77 14.02
N GLY B 150 -13.38 18.01 14.78
CA GLY B 150 -13.72 17.20 15.96
C GLY B 150 -14.08 15.79 15.56
N ILE B 151 -13.71 14.84 16.41
CA ILE B 151 -14.08 13.40 16.40
C ILE B 151 -15.57 13.29 16.66
N ALA B 152 -16.29 12.46 15.90
CA ALA B 152 -17.70 12.10 16.21
C ALA B 152 -17.72 10.71 16.86
N THR B 153 -18.37 10.57 18.02
CA THR B 153 -18.48 9.29 18.75
C THR B 153 -19.96 8.88 18.75
N VAL B 154 -20.22 7.60 18.51
CA VAL B 154 -21.57 6.98 18.59
C VAL B 154 -22.02 7.05 20.06
N ARG B 155 -23.19 7.64 20.30
CA ARG B 155 -23.76 7.82 21.66
C ARG B 155 -24.94 6.84 21.82
N GLU B 156 -25.74 6.67 20.77
CA GLU B 156 -26.98 5.85 20.76
C GLU B 156 -27.25 5.42 19.33
N VAL B 157 -27.33 4.11 19.07
CA VAL B 157 -27.65 3.54 17.73
C VAL B 157 -29.17 3.52 17.57
N LEU B 158 -29.79 4.70 17.36
CA LEU B 158 -31.27 4.90 17.29
C LEU B 158 -31.94 3.70 16.61
N SER B 159 -31.42 3.29 15.45
CA SER B 159 -31.90 2.14 14.64
C SER B 159 -30.75 1.64 13.76
N ASP B 160 -31.05 0.83 12.75
CA ASP B 160 -30.11 0.55 11.63
C ASP B 160 -30.11 1.80 10.72
N ARG B 161 -28.97 2.09 10.08
CA ARG B 161 -28.79 3.21 9.10
C ARG B 161 -29.04 4.60 9.72
N GLU B 162 -29.29 4.70 11.04
CA GLU B 162 -29.46 6.00 11.75
C GLU B 162 -28.76 5.96 13.12
N LEU B 163 -27.96 7.00 13.42
CA LEU B 163 -27.13 7.15 14.64
C LEU B 163 -27.40 8.49 15.34
N HIS B 164 -26.98 8.56 16.60
CA HIS B 164 -26.93 9.76 17.47
C HIS B 164 -25.46 10.05 17.79
N LEU B 165 -24.88 11.12 17.23
CA LEU B 165 -23.42 11.36 17.35
C LEU B 165 -23.13 12.40 18.43
N SER B 166 -22.13 12.11 19.26
CA SER B 166 -21.52 13.01 20.26
C SER B 166 -20.23 13.59 19.65
N TRP B 167 -20.11 14.93 19.58
CA TRP B 167 -18.99 15.62 18.88
C TRP B 167 -17.97 16.18 19.89
N GLU B 168 -16.70 16.06 19.55
CA GLU B 168 -15.56 16.64 20.32
C GLU B 168 -15.78 18.14 20.53
N VAL B 169 -15.56 18.61 21.76
CA VAL B 169 -15.75 20.03 22.19
C VAL B 169 -14.46 20.79 21.84
N GLY B 170 -14.59 22.06 21.45
CA GLY B 170 -13.44 22.91 21.11
C GLY B 170 -13.13 22.87 19.62
N LYS B 171 -13.33 21.73 18.96
CA LYS B 171 -12.97 21.54 17.52
C LYS B 171 -14.24 21.68 16.68
N PRO B 172 -14.17 22.27 15.47
CA PRO B 172 -15.34 22.40 14.61
C PRO B 172 -15.78 21.04 14.06
N ARG B 173 -16.99 20.97 13.53
CA ARG B 173 -17.61 19.73 12.97
C ARG B 173 -17.59 19.84 11.45
N PRO B 174 -17.14 18.78 10.74
CA PRO B 174 -17.10 18.79 9.28
C PRO B 174 -18.50 18.80 8.69
N PRO B 175 -18.69 19.34 7.47
CA PRO B 175 -19.97 19.25 6.76
C PRO B 175 -20.38 17.79 6.54
N LEU B 176 -21.66 17.47 6.74
CA LEU B 176 -22.17 16.08 6.68
C LEU B 176 -22.82 15.85 5.30
N ASN B 177 -21.98 15.71 4.27
CA ASN B 177 -22.37 15.36 2.87
C ASN B 177 -21.44 14.28 2.31
N ARG B 178 -21.65 13.89 1.05
CA ARG B 178 -20.94 12.77 0.35
C ARG B 178 -19.45 13.10 0.20
N ASN B 179 -19.10 14.39 0.12
CA ASN B 179 -17.70 14.88 -0.05
C ASN B 179 -16.82 14.55 1.17
N TYR B 180 -17.42 14.41 2.36
CA TYR B 180 -16.66 14.14 3.61
C TYR B 180 -16.83 12.66 3.98
N VAL B 181 -15.78 11.88 3.75
CA VAL B 181 -15.78 10.40 4.00
C VAL B 181 -14.97 10.12 5.28
N PHE B 182 -15.64 9.52 6.26
CA PHE B 182 -15.11 9.24 7.62
C PHE B 182 -14.51 7.83 7.62
N THR B 183 -13.77 7.52 8.68
CA THR B 183 -13.29 6.17 9.02
C THR B 183 -13.76 5.87 10.45
N GLY B 184 -14.53 4.80 10.61
CA GLY B 184 -14.98 4.29 11.92
C GLY B 184 -13.86 3.50 12.57
N TYR B 185 -13.89 3.40 13.90
CA TYR B 185 -12.94 2.63 14.72
C TYR B 185 -13.66 2.07 15.94
N ARG B 186 -13.23 0.92 16.47
CA ARG B 186 -13.73 0.31 17.74
C ARG B 186 -12.67 0.44 18.84
N VAL B 187 -13.07 0.77 20.07
CA VAL B 187 -12.13 1.06 21.20
C VAL B 187 -11.61 -0.27 21.74
N THR B 188 -10.38 -0.66 21.37
CA THR B 188 -9.76 -1.94 21.79
C THR B 188 -9.13 -1.77 23.18
N LYS B 189 -8.59 -2.86 23.74
CA LYS B 189 -8.01 -2.90 25.11
C LYS B 189 -6.93 -1.81 25.26
N ASN B 190 -6.08 -1.63 24.25
CA ASN B 190 -4.89 -0.74 24.33
C ASN B 190 -4.71 0.08 23.04
N SER B 191 -5.58 -0.07 22.04
CA SER B 191 -5.53 0.70 20.76
C SER B 191 -6.92 0.73 20.09
N LYS B 192 -6.96 1.07 18.80
CA LYS B 192 -8.21 1.25 18.00
C LYS B 192 -8.09 0.41 16.72
N VAL B 193 -9.22 -0.14 16.24
CA VAL B 193 -9.27 -1.01 15.04
C VAL B 193 -10.26 -0.42 14.01
N GLN B 194 -9.79 -0.20 12.77
CA GLN B 194 -10.59 0.37 11.64
C GLN B 194 -11.85 -0.49 11.44
N ILE B 195 -13.00 0.16 11.27
CA ILE B 195 -14.32 -0.51 11.12
C ILE B 195 -14.95 -0.03 9.79
N GLY B 196 -14.12 0.20 8.77
CA GLY B 196 -14.54 0.61 7.41
C GLY B 196 -14.61 2.13 7.25
N GLU B 197 -15.00 2.59 6.06
CA GLU B 197 -15.21 4.03 5.72
C GLU B 197 -16.70 4.35 5.72
N TYR B 198 -17.07 5.62 5.91
CA TYR B 198 -18.47 6.10 6.09
C TYR B 198 -18.64 7.51 5.52
N THR B 199 -19.89 7.85 5.16
CA THR B 199 -20.39 9.24 4.97
C THR B 199 -21.66 9.40 5.82
N PHE B 200 -22.08 10.64 6.05
CA PHE B 200 -23.26 10.97 6.90
C PHE B 200 -24.10 12.06 6.22
N GLU B 201 -25.38 12.10 6.58
CA GLU B 201 -26.39 13.11 6.18
C GLU B 201 -27.34 13.34 7.38
N LYS B 202 -27.89 14.56 7.52
CA LYS B 202 -28.76 14.97 8.66
C LYS B 202 -30.02 14.09 8.67
N GLY B 203 -30.61 13.89 9.85
CA GLY B 203 -31.86 13.11 10.05
C GLY B 203 -33.06 14.01 10.29
N ALA B 208 -29.63 14.02 15.53
CA ALA B 208 -29.30 12.65 15.08
C ALA B 208 -28.94 12.64 13.58
N VAL B 209 -28.17 11.64 13.14
CA VAL B 209 -27.58 11.58 11.77
C VAL B 209 -27.95 10.25 11.10
N VAL B 210 -27.76 10.20 9.77
CA VAL B 210 -28.02 9.02 8.88
C VAL B 210 -26.68 8.57 8.30
N TYR B 211 -26.30 7.29 8.44
CA TYR B 211 -24.98 6.77 7.99
C TYR B 211 -25.14 5.88 6.75
N ARG B 212 -24.38 6.22 5.69
CA ARG B 212 -24.11 5.35 4.51
C ARG B 212 -22.67 4.81 4.62
N GLY B 213 -22.52 3.52 4.94
CA GLY B 213 -21.22 2.88 5.23
C GLY B 213 -20.69 2.06 4.07
N THR B 214 -19.37 2.10 3.85
CA THR B 214 -18.62 1.27 2.85
C THR B 214 -18.43 -0.16 3.40
N THR B 215 -19.36 -0.61 4.25
CA THR B 215 -19.40 -1.95 4.88
C THR B 215 -20.61 -2.03 5.80
N THR B 216 -21.16 -3.22 5.99
CA THR B 216 -22.28 -3.50 6.93
C THR B 216 -21.65 -3.98 8.24
N TYR B 217 -21.98 -3.31 9.35
CA TYR B 217 -21.45 -3.60 10.71
C TYR B 217 -22.56 -3.39 11.75
N LYS B 218 -22.55 -4.22 12.80
CA LYS B 218 -23.39 -4.01 14.01
C LYS B 218 -22.70 -2.98 14.90
N LEU B 219 -22.37 -1.80 14.33
CA LEU B 219 -21.65 -0.72 15.07
C LEU B 219 -22.50 -0.26 16.25
N ASN B 220 -21.93 -0.33 17.45
CA ASN B 220 -22.63 -0.04 18.74
C ASN B 220 -21.97 1.16 19.41
N VAL B 221 -22.65 1.70 20.43
CA VAL B 221 -22.25 2.94 21.17
C VAL B 221 -20.77 2.87 21.51
N GLY B 222 -20.05 3.99 21.43
CA GLY B 222 -18.64 4.11 21.81
C GLY B 222 -17.70 4.10 20.62
N ASP B 223 -18.14 3.65 19.46
CA ASP B 223 -17.36 3.71 18.19
C ASP B 223 -17.25 5.18 17.78
N TYR B 224 -16.15 5.58 17.13
CA TYR B 224 -15.91 6.99 16.73
C TYR B 224 -15.47 7.05 15.27
N PHE B 225 -15.61 8.23 14.67
CA PHE B 225 -15.37 8.49 13.23
C PHE B 225 -14.43 9.67 13.07
N VAL B 226 -13.47 9.55 12.17
CA VAL B 226 -12.49 10.62 11.84
C VAL B 226 -12.30 10.61 10.32
N LEU B 227 -12.24 11.80 9.72
CA LEU B 227 -11.94 11.95 8.28
C LEU B 227 -10.53 11.42 8.03
N THR B 228 -10.38 10.33 7.27
CA THR B 228 -9.07 9.69 7.02
C THR B 228 -8.25 10.64 6.14
N SER B 229 -7.11 11.10 6.66
CA SER B 229 -6.11 11.94 5.96
C SER B 229 -4.81 11.14 5.81
N HIS B 230 -4.25 11.10 4.60
CA HIS B 230 -3.05 10.28 4.28
C HIS B 230 -1.83 11.20 4.17
N THR B 231 -0.64 10.59 4.26
CA THR B 231 0.68 11.24 4.02
C THR B 231 0.73 11.73 2.57
N VAL B 232 1.02 13.02 2.38
CA VAL B 232 1.21 13.66 1.05
C VAL B 232 2.68 13.48 0.64
N MET B 233 2.94 12.65 -0.38
CA MET B 233 4.31 12.36 -0.84
C MET B 233 4.81 13.53 -1.69
N PRO B 234 6.14 13.74 -1.78
CA PRO B 234 6.70 14.82 -2.61
C PRO B 234 6.60 14.48 -4.11
N LEU B 235 6.52 15.52 -4.95
CA LEU B 235 6.29 15.39 -6.41
C LEU B 235 7.63 15.57 -7.10
N SER B 236 7.90 14.79 -8.14
CA SER B 236 9.14 14.87 -8.95
C SER B 236 8.82 15.21 -10.41
N ALA B 237 7.87 14.51 -11.03
CA ALA B 237 7.51 14.64 -12.46
C ALA B 237 6.73 15.92 -12.69
N PRO B 238 6.81 16.53 -13.91
CA PRO B 238 5.91 17.63 -14.28
C PRO B 238 4.47 17.16 -14.49
N THR B 239 3.55 18.12 -14.47
CA THR B 239 2.09 17.89 -14.65
C THR B 239 1.78 17.47 -16.10
N LEU B 240 2.60 17.93 -17.05
CA LEU B 240 2.62 17.57 -18.49
C LEU B 240 4.07 17.33 -18.93
N VAL B 241 4.36 16.20 -19.58
CA VAL B 241 5.67 15.94 -20.26
C VAL B 241 5.78 16.99 -21.37
N PRO B 242 6.99 17.27 -21.90
CA PRO B 242 7.10 18.19 -23.03
C PRO B 242 6.38 17.59 -24.23
N GLN B 243 5.56 18.40 -24.89
CA GLN B 243 4.79 18.09 -26.12
C GLN B 243 5.75 17.85 -27.30
N GLU B 244 5.51 16.77 -28.02
CA GLU B 244 6.17 16.42 -29.30
C GLU B 244 5.09 16.14 -30.34
N HIS B 245 5.27 16.69 -31.54
CA HIS B 245 4.44 16.41 -32.72
C HIS B 245 5.25 15.57 -33.70
N TYR B 246 4.59 14.62 -34.34
CA TYR B 246 5.26 13.65 -35.23
C TYR B 246 4.65 13.82 -36.62
N VAL B 247 5.35 13.30 -37.61
CA VAL B 247 4.98 13.41 -39.05
C VAL B 247 4.30 12.09 -39.43
N ARG B 248 4.57 11.03 -38.67
CA ARG B 248 3.96 9.68 -38.79
C ARG B 248 3.43 9.25 -37.43
N ILE B 249 2.55 8.25 -37.41
CA ILE B 249 2.13 7.56 -36.16
C ILE B 249 3.37 6.84 -35.64
N THR B 250 3.62 6.92 -34.35
CA THR B 250 4.89 6.50 -33.71
C THR B 250 4.65 5.44 -32.66
N GLY B 251 5.37 4.33 -32.73
CA GLY B 251 5.34 3.28 -31.68
C GLY B 251 3.98 2.58 -31.59
N LEU B 252 3.06 2.88 -32.50
CA LEU B 252 1.74 2.24 -32.56
C LEU B 252 1.54 1.69 -33.97
N TYR B 253 0.74 0.61 -34.10
CA TYR B 253 0.45 -0.08 -35.38
C TYR B 253 -1.06 -0.20 -35.58
N PRO B 254 -1.66 0.66 -36.44
CA PRO B 254 -3.10 0.67 -36.62
C PRO B 254 -3.62 -0.61 -37.27
N THR B 255 -4.83 -0.99 -36.89
CA THR B 255 -5.50 -2.22 -37.40
C THR B 255 -5.75 -2.05 -38.89
N LEU B 256 -5.93 -3.15 -39.62
CA LEU B 256 -6.34 -3.13 -41.04
C LEU B 256 -7.88 -3.11 -41.14
N ASN B 257 -8.55 -3.73 -40.18
CA ASN B 257 -10.02 -3.86 -40.17
C ASN B 257 -10.53 -3.20 -38.89
N ILE B 258 -11.37 -2.20 -39.03
CA ILE B 258 -12.02 -1.58 -37.86
C ILE B 258 -13.53 -1.74 -38.03
N SER B 259 -14.25 -1.87 -36.93
CA SER B 259 -15.73 -1.94 -36.98
C SER B 259 -16.29 -0.52 -37.17
N ASP B 260 -17.45 -0.42 -37.82
CA ASP B 260 -18.21 0.84 -38.03
C ASP B 260 -18.61 1.48 -36.70
N GLU B 261 -18.53 0.73 -35.61
CA GLU B 261 -18.64 1.24 -34.21
C GLU B 261 -17.57 2.30 -33.88
N PHE B 262 -16.34 2.20 -34.41
CA PHE B 262 -15.20 3.07 -34.01
C PHE B 262 -14.68 3.92 -35.17
N SER B 263 -15.27 3.74 -36.36
CA SER B 263 -14.88 4.36 -37.65
C SER B 263 -14.88 5.88 -37.52
N SER B 264 -15.83 6.50 -36.82
CA SER B 264 -15.85 7.98 -36.71
C SER B 264 -14.68 8.51 -35.84
N ASN B 265 -13.98 7.66 -35.08
CA ASN B 265 -12.86 8.13 -34.21
C ASN B 265 -11.52 7.86 -34.88
N VAL B 266 -11.50 7.25 -36.07
CA VAL B 266 -10.23 6.81 -36.74
C VAL B 266 -9.32 8.03 -36.98
N ALA B 267 -9.79 9.17 -37.51
CA ALA B 267 -8.96 10.37 -37.69
C ALA B 267 -8.38 10.80 -36.33
N ASN B 268 -9.19 10.81 -35.27
CA ASN B 268 -8.73 11.18 -33.90
C ASN B 268 -7.74 10.11 -33.38
N TYR B 269 -7.91 8.82 -33.68
CA TYR B 269 -6.92 7.82 -33.15
C TYR B 269 -5.55 8.03 -33.83
N GLN B 270 -5.53 8.52 -35.06
CA GLN B 270 -4.25 8.73 -35.80
C GLN B 270 -3.53 9.96 -35.19
N LYS B 271 -4.28 10.96 -34.78
CA LYS B 271 -3.75 12.17 -34.10
C LYS B 271 -3.10 11.72 -32.78
N VAL B 272 -3.71 10.79 -32.03
CA VAL B 272 -3.13 10.35 -30.74
C VAL B 272 -1.74 9.78 -31.02
N GLY B 273 -1.61 9.03 -32.10
CA GLY B 273 -0.35 8.41 -32.53
C GLY B 273 0.65 9.43 -33.03
N MET B 274 0.23 10.66 -33.30
CA MET B 274 1.14 11.61 -34.00
C MET B 274 1.61 12.71 -33.04
N GLN B 275 1.26 12.63 -31.77
CA GLN B 275 1.79 13.57 -30.75
C GLN B 275 1.97 12.83 -29.43
N LYS B 276 2.91 13.32 -28.62
CA LYS B 276 3.31 12.71 -27.34
C LYS B 276 2.10 12.66 -26.41
N TYR B 277 1.28 13.70 -26.42
CA TYR B 277 0.08 13.76 -25.56
C TYR B 277 -0.97 14.55 -26.30
N SER B 278 -2.24 14.23 -26.07
CA SER B 278 -3.40 14.80 -26.78
C SER B 278 -4.58 14.97 -25.82
N THR B 279 -5.34 16.04 -26.01
CA THR B 279 -6.48 16.34 -25.13
C THR B 279 -7.76 16.09 -25.95
N LEU B 280 -8.72 15.42 -25.33
CA LEU B 280 -10.06 15.14 -25.91
C LEU B 280 -11.08 15.78 -24.98
N GLN B 281 -11.80 16.79 -25.47
CA GLN B 281 -13.00 17.33 -24.81
C GLN B 281 -14.19 16.51 -25.31
N GLY B 282 -14.84 15.82 -24.38
CA GLY B 282 -16.04 15.05 -24.71
C GLY B 282 -17.19 15.57 -23.87
N PRO B 283 -18.06 16.45 -24.39
CA PRO B 283 -19.25 16.87 -23.65
C PRO B 283 -20.11 15.69 -23.21
N PRO B 284 -21.09 15.89 -22.32
CA PRO B 284 -21.97 14.80 -21.90
C PRO B 284 -22.58 13.98 -23.05
N GLY B 285 -22.41 12.65 -23.01
CA GLY B 285 -23.05 11.78 -24.02
C GLY B 285 -22.43 11.85 -25.41
N THR B 286 -21.14 12.16 -25.51
CA THR B 286 -20.50 12.34 -26.83
C THR B 286 -19.59 11.14 -27.18
N GLY B 287 -19.37 10.23 -26.23
CA GLY B 287 -18.62 8.99 -26.55
C GLY B 287 -17.23 8.93 -25.96
N LYS B 288 -17.04 9.43 -24.74
CA LYS B 288 -15.68 9.48 -24.15
C LYS B 288 -15.14 8.06 -23.93
N SER B 289 -15.92 7.19 -23.28
CA SER B 289 -15.44 5.81 -22.98
C SER B 289 -15.40 4.99 -24.27
N HIS B 290 -16.33 5.26 -25.19
CA HIS B 290 -16.30 4.59 -26.52
C HIS B 290 -14.96 4.94 -27.17
N PHE B 291 -14.57 6.22 -27.08
CA PHE B 291 -13.30 6.70 -27.66
C PHE B 291 -12.17 5.91 -27.05
N ALA B 292 -12.07 5.90 -25.71
CA ALA B 292 -10.96 5.29 -24.91
C ALA B 292 -10.77 3.80 -25.27
N ILE B 293 -11.85 3.02 -25.26
CA ILE B 293 -11.81 1.56 -25.56
C ILE B 293 -11.55 1.36 -27.06
N GLY B 294 -12.19 2.14 -27.95
CA GLY B 294 -11.98 1.93 -29.41
C GLY B 294 -10.52 2.19 -29.82
N LEU B 295 -9.79 2.91 -28.99
CA LEU B 295 -8.35 3.19 -29.20
C LEU B 295 -7.57 1.87 -29.08
N ALA B 296 -7.96 0.99 -28.16
CA ALA B 296 -7.38 -0.37 -28.06
C ALA B 296 -7.70 -1.16 -29.32
N LEU B 297 -8.90 -1.05 -29.87
CA LEU B 297 -9.26 -1.86 -31.05
C LEU B 297 -8.52 -1.31 -32.27
N TYR B 298 -8.26 0.00 -32.28
CA TYR B 298 -7.54 0.64 -33.42
C TYR B 298 -6.05 0.29 -33.37
N TYR B 299 -5.44 0.14 -32.18
CA TYR B 299 -4.01 -0.26 -31.99
C TYR B 299 -3.96 -1.58 -31.22
N PRO B 300 -4.40 -2.70 -31.83
CA PRO B 300 -4.63 -3.95 -31.11
C PRO B 300 -3.44 -4.52 -30.32
N SER B 301 -2.20 -4.24 -30.72
CA SER B 301 -0.98 -4.75 -30.05
C SER B 301 -0.55 -3.80 -28.92
N ALA B 302 -1.04 -2.54 -28.89
CA ALA B 302 -0.59 -1.51 -27.91
C ALA B 302 -0.95 -1.94 -26.49
N ARG B 303 -0.01 -1.78 -25.56
CA ARG B 303 -0.23 -1.87 -24.10
C ARG B 303 -0.76 -0.52 -23.63
N ILE B 304 -1.95 -0.51 -23.06
CA ILE B 304 -2.65 0.72 -22.62
C ILE B 304 -2.92 0.60 -21.12
N VAL B 305 -2.53 1.64 -20.37
CA VAL B 305 -2.98 1.89 -18.98
C VAL B 305 -4.11 2.91 -19.01
N TYR B 306 -5.27 2.50 -18.50
CA TYR B 306 -6.48 3.33 -18.30
C TYR B 306 -6.49 3.77 -16.83
N THR B 307 -6.40 5.07 -16.62
CA THR B 307 -6.37 5.66 -15.26
C THR B 307 -7.43 6.74 -15.21
N ALA B 308 -7.94 6.94 -14.00
CA ALA B 308 -8.66 8.12 -13.51
C ALA B 308 -8.48 8.23 -11.99
N CYS B 309 -8.90 9.35 -11.43
CA CYS B 309 -8.80 9.66 -9.98
C CYS B 309 -9.71 8.69 -9.20
N SER B 310 -10.98 8.58 -9.60
CA SER B 310 -12.01 7.82 -8.82
C SER B 310 -12.12 6.35 -9.30
N HIS B 311 -12.36 5.45 -8.35
CA HIS B 311 -12.67 4.03 -8.62
C HIS B 311 -13.83 3.94 -9.63
N ALA B 312 -14.89 4.74 -9.49
CA ALA B 312 -16.09 4.74 -10.34
C ALA B 312 -15.71 5.09 -11.79
N ALA B 313 -14.80 6.03 -12.00
CA ALA B 313 -14.41 6.45 -13.36
C ALA B 313 -13.65 5.27 -13.98
N VAL B 314 -12.78 4.64 -13.19
CA VAL B 314 -11.97 3.49 -13.68
C VAL B 314 -12.90 2.30 -13.95
N ASP B 315 -13.68 1.87 -12.95
CA ASP B 315 -14.75 0.85 -13.11
C ASP B 315 -15.54 1.06 -14.42
N ALA B 316 -15.98 2.28 -14.72
CA ALA B 316 -16.76 2.60 -15.94
C ALA B 316 -15.93 2.20 -17.18
N LEU B 317 -14.65 2.55 -17.19
CA LEU B 317 -13.77 2.13 -18.32
C LEU B 317 -13.77 0.59 -18.38
N CYS B 318 -13.58 -0.08 -17.24
CA CYS B 318 -13.63 -1.56 -17.09
C CYS B 318 -14.93 -2.13 -17.69
N GLU B 319 -16.09 -1.54 -17.38
CA GLU B 319 -17.40 -1.99 -17.93
C GLU B 319 -17.39 -1.87 -19.46
N LYS B 320 -16.90 -0.77 -20.02
CA LYS B 320 -16.92 -0.57 -21.49
C LYS B 320 -15.98 -1.60 -22.10
N ALA B 321 -14.84 -1.86 -21.47
CA ALA B 321 -13.79 -2.77 -21.97
C ALA B 321 -14.32 -4.20 -22.01
N LEU B 322 -14.99 -4.59 -20.93
CA LEU B 322 -15.58 -5.94 -20.74
C LEU B 322 -16.44 -6.28 -21.97
N LYS B 323 -17.04 -5.29 -22.63
CA LYS B 323 -17.93 -5.42 -23.80
C LYS B 323 -17.15 -5.48 -25.12
N TYR B 324 -15.86 -5.14 -25.16
CA TYR B 324 -15.13 -4.98 -26.44
C TYR B 324 -13.75 -5.62 -26.42
N LEU B 325 -13.10 -5.75 -25.28
CA LEU B 325 -11.68 -6.20 -25.20
C LEU B 325 -11.66 -7.62 -24.63
N PRO B 326 -10.64 -8.44 -24.97
CA PRO B 326 -10.55 -9.79 -24.42
C PRO B 326 -10.31 -9.67 -22.91
N ILE B 327 -11.16 -10.33 -22.11
CA ILE B 327 -11.12 -10.28 -20.63
C ILE B 327 -9.76 -10.79 -20.12
N ASP B 328 -9.14 -11.78 -20.77
CA ASP B 328 -7.84 -12.36 -20.35
C ASP B 328 -6.70 -11.38 -20.64
N LYS B 329 -6.98 -10.26 -21.32
CA LYS B 329 -5.98 -9.21 -21.66
C LYS B 329 -6.08 -8.03 -20.70
N CYS B 330 -7.07 -8.03 -19.81
CA CYS B 330 -7.34 -6.92 -18.86
C CYS B 330 -6.91 -7.30 -17.43
N SER B 331 -6.49 -6.30 -16.66
CA SER B 331 -6.29 -6.42 -15.19
C SER B 331 -6.73 -5.14 -14.50
N ARG B 332 -7.45 -5.30 -13.39
CA ARG B 332 -7.86 -4.20 -12.48
C ARG B 332 -6.86 -4.19 -11.33
N ILE B 333 -6.10 -3.10 -11.19
CA ILE B 333 -5.16 -2.87 -10.06
C ILE B 333 -5.97 -2.35 -8.86
N ILE B 334 -5.84 -3.03 -7.73
CA ILE B 334 -6.56 -2.69 -6.47
C ILE B 334 -5.49 -2.55 -5.39
N PRO B 335 -5.47 -1.41 -4.68
CA PRO B 335 -4.55 -1.24 -3.55
C PRO B 335 -5.03 -2.11 -2.38
N ALA B 336 -4.11 -2.81 -1.71
CA ALA B 336 -4.37 -3.70 -0.55
C ALA B 336 -4.85 -2.86 0.64
N VAL B 340 -12.14 -0.56 -0.57
CA VAL B 340 -13.35 -0.02 -1.26
C VAL B 340 -13.74 -0.97 -2.41
N GLU B 341 -15.04 -1.21 -2.60
CA GLU B 341 -15.56 -2.26 -3.51
C GLU B 341 -15.65 -1.73 -4.94
N CYS B 342 -14.80 -2.25 -5.83
CA CYS B 342 -14.69 -1.82 -7.24
C CYS B 342 -14.96 -3.00 -8.17
N PHE B 343 -14.74 -2.80 -9.47
CA PHE B 343 -14.87 -3.80 -10.55
C PHE B 343 -14.10 -5.09 -10.21
N ASP B 344 -14.72 -6.28 -10.34
CA ASP B 344 -14.10 -7.58 -9.94
C ASP B 344 -14.22 -8.65 -11.03
N LYS B 345 -14.25 -8.26 -12.30
CA LYS B 345 -14.45 -9.19 -13.43
C LYS B 345 -13.12 -9.44 -14.17
N PHE B 346 -12.09 -8.63 -13.90
CA PHE B 346 -10.74 -8.78 -14.48
C PHE B 346 -9.82 -9.38 -13.44
N LYS B 347 -8.84 -10.19 -13.85
CA LYS B 347 -7.75 -10.65 -12.95
C LYS B 347 -7.17 -9.43 -12.22
N VAL B 348 -6.87 -9.59 -10.94
CA VAL B 348 -6.55 -8.45 -10.02
C VAL B 348 -5.02 -8.35 -9.89
N ASN B 349 -4.51 -7.11 -9.95
CA ASN B 349 -3.10 -6.73 -9.65
C ASN B 349 -2.13 -7.51 -10.54
N SER B 350 -2.37 -7.52 -11.85
CA SER B 350 -1.45 -8.07 -12.88
C SER B 350 -0.92 -6.92 -13.75
N THR B 351 0.18 -6.31 -13.32
CA THR B 351 0.79 -5.09 -13.93
C THR B 351 1.20 -5.35 -15.39
N LEU B 352 1.58 -6.59 -15.75
CA LEU B 352 2.09 -6.92 -17.10
C LEU B 352 0.95 -7.28 -18.06
N GLU B 353 -0.30 -7.16 -17.63
CA GLU B 353 -1.47 -7.36 -18.53
C GLU B 353 -1.50 -6.21 -19.55
N GLN B 354 -1.84 -6.51 -20.80
CA GLN B 354 -1.87 -5.53 -21.93
C GLN B 354 -2.80 -4.35 -21.61
N TYR B 355 -3.93 -4.58 -20.94
CA TYR B 355 -4.91 -3.52 -20.58
C TYR B 355 -4.99 -3.41 -19.06
N VAL B 356 -4.40 -2.37 -18.49
CA VAL B 356 -4.36 -2.14 -17.02
C VAL B 356 -5.30 -0.99 -16.68
N PHE B 357 -6.23 -1.22 -15.76
CA PHE B 357 -7.28 -0.27 -15.30
C PHE B 357 -7.01 0.00 -13.81
N CYS B 358 -6.73 1.23 -13.42
CA CYS B 358 -6.11 1.55 -12.12
C CYS B 358 -6.33 3.03 -11.80
N THR B 359 -6.74 3.33 -10.57
CA THR B 359 -6.84 4.72 -10.08
C THR B 359 -5.41 5.29 -10.03
N VAL B 360 -5.30 6.61 -10.14
CA VAL B 360 -4.02 7.37 -10.05
C VAL B 360 -3.24 6.98 -8.80
N ASN B 361 -3.90 6.95 -7.64
CA ASN B 361 -3.24 6.85 -6.30
C ASN B 361 -2.65 5.45 -6.13
N ALA B 362 -3.07 4.47 -6.94
CA ALA B 362 -2.63 3.06 -6.87
C ALA B 362 -1.76 2.67 -8.08
N LEU B 363 -1.34 3.61 -8.91
CA LEU B 363 -0.57 3.27 -10.14
C LEU B 363 0.74 2.56 -9.77
N PRO B 364 1.06 1.43 -10.43
CA PRO B 364 2.39 0.86 -10.32
C PRO B 364 3.38 1.64 -11.19
N GLU B 365 4.66 1.50 -10.90
CA GLU B 365 5.73 2.09 -11.74
C GLU B 365 5.89 1.17 -12.96
N THR B 366 5.40 1.60 -14.11
CA THR B 366 5.42 0.79 -15.36
C THR B 366 5.52 1.72 -16.57
N THR B 367 5.69 1.14 -17.75
CA THR B 367 5.68 1.82 -19.06
C THR B 367 4.41 1.36 -19.80
N ALA B 368 4.08 2.02 -20.90
CA ALA B 368 2.90 1.67 -21.71
C ALA B 368 3.09 2.28 -23.10
N ASP B 369 2.39 1.75 -24.09
CA ASP B 369 2.33 2.38 -25.43
C ASP B 369 1.39 3.59 -25.32
N ILE B 370 0.29 3.47 -24.59
CA ILE B 370 -0.68 4.59 -24.45
C ILE B 370 -1.16 4.63 -23.00
N VAL B 371 -1.06 5.80 -22.38
CA VAL B 371 -1.78 6.08 -21.11
C VAL B 371 -3.03 6.87 -21.48
N VAL B 372 -4.22 6.34 -21.12
CA VAL B 372 -5.49 7.11 -21.15
C VAL B 372 -5.78 7.54 -19.71
N PHE B 373 -5.93 8.84 -19.51
CA PHE B 373 -6.30 9.45 -18.21
C PHE B 373 -7.69 10.04 -18.44
N ASP B 374 -8.74 9.44 -17.86
CA ASP B 374 -10.15 9.87 -18.07
C ASP B 374 -10.60 10.76 -16.92
N GLU B 375 -11.74 11.42 -17.10
CA GLU B 375 -12.40 12.40 -16.19
C GLU B 375 -11.35 13.42 -15.72
N ILE B 376 -10.76 14.11 -16.70
CA ILE B 376 -9.64 15.06 -16.48
C ILE B 376 -10.11 16.32 -15.77
N SER B 377 -11.34 16.81 -15.92
CA SER B 377 -11.86 17.95 -15.10
C SER B 377 -11.65 17.64 -13.59
N MET B 378 -11.68 16.37 -13.18
CA MET B 378 -11.62 15.98 -11.73
C MET B 378 -10.17 15.85 -11.25
N ALA B 379 -9.18 15.81 -12.15
CA ALA B 379 -7.76 15.73 -11.75
C ALA B 379 -7.33 17.09 -11.18
N THR B 380 -6.35 16.98 -10.30
CA THR B 380 -5.50 18.08 -9.76
C THR B 380 -4.11 17.93 -10.37
N ASN B 381 -3.31 18.99 -10.29
CA ASN B 381 -1.89 18.97 -10.73
C ASN B 381 -1.15 17.90 -9.94
N TYR B 382 -1.56 17.62 -8.71
CA TYR B 382 -0.91 16.59 -7.86
C TYR B 382 -1.04 15.27 -8.61
N ASP B 383 -2.24 14.96 -9.08
CA ASP B 383 -2.56 13.72 -9.82
C ASP B 383 -1.81 13.69 -11.15
N LEU B 384 -1.79 14.78 -11.91
CA LEU B 384 -1.09 14.85 -13.23
C LEU B 384 0.36 14.47 -12.99
N SER B 385 0.94 15.03 -11.94
CA SER B 385 2.38 14.81 -11.64
C SER B 385 2.56 13.32 -11.35
N VAL B 386 1.71 12.76 -10.51
CA VAL B 386 1.86 11.35 -10.06
C VAL B 386 1.84 10.43 -11.27
N VAL B 387 0.93 10.69 -12.22
CA VAL B 387 0.79 9.80 -13.43
C VAL B 387 2.08 9.85 -14.25
N ASN B 388 2.67 11.04 -14.42
CA ASN B 388 3.95 11.23 -15.16
C ASN B 388 5.10 10.52 -14.44
N ALA B 389 5.08 10.51 -13.10
CA ALA B 389 6.11 9.87 -12.25
C ALA B 389 6.03 8.35 -12.33
N ARG B 390 4.82 7.80 -12.34
CA ARG B 390 4.54 6.35 -12.29
C ARG B 390 4.59 5.77 -13.71
N LEU B 391 4.01 6.46 -14.72
CA LEU B 391 3.81 5.92 -16.11
C LEU B 391 4.73 6.61 -17.13
N ARG B 392 5.68 5.87 -17.71
CA ARG B 392 6.48 6.35 -18.88
C ARG B 392 5.88 5.73 -20.13
N ALA B 393 5.20 6.54 -20.96
CA ALA B 393 4.45 6.05 -22.14
C ALA B 393 4.92 6.73 -23.44
N LYS B 394 4.75 6.04 -24.56
CA LYS B 394 4.93 6.67 -25.89
C LYS B 394 3.86 7.75 -26.06
N HIS B 395 2.62 7.52 -25.62
CA HIS B 395 1.53 8.50 -25.87
C HIS B 395 0.70 8.65 -24.61
N TYR B 396 0.16 9.85 -24.39
CA TYR B 396 -0.70 10.18 -23.23
C TYR B 396 -1.93 10.82 -23.82
N VAL B 397 -3.10 10.33 -23.45
CA VAL B 397 -4.40 10.87 -23.91
C VAL B 397 -5.19 11.28 -22.67
N TYR B 398 -5.53 12.55 -22.59
CA TYR B 398 -6.21 13.17 -21.43
C TYR B 398 -7.63 13.38 -21.92
N ILE B 399 -8.57 12.69 -21.31
CA ILE B 399 -10.00 12.67 -21.73
C ILE B 399 -10.85 13.18 -20.56
N GLY B 400 -11.73 14.10 -20.87
CA GLY B 400 -12.59 14.74 -19.89
C GLY B 400 -13.34 15.89 -20.55
N ASP B 401 -13.72 16.88 -19.77
CA ASP B 401 -14.59 18.02 -20.22
C ASP B 401 -14.39 19.20 -19.26
N PRO B 402 -13.65 20.26 -19.66
CA PRO B 402 -13.45 21.41 -18.78
C PRO B 402 -14.76 22.16 -18.50
N ALA B 403 -15.88 21.81 -19.16
CA ALA B 403 -17.21 22.38 -18.88
C ALA B 403 -17.93 21.55 -17.82
N GLN B 404 -17.31 20.49 -17.31
CA GLN B 404 -17.94 19.71 -16.23
C GLN B 404 -17.23 20.01 -14.90
N LEU B 405 -17.57 19.26 -13.85
CA LEU B 405 -17.19 19.61 -12.46
C LEU B 405 -15.74 19.25 -12.19
N PRO B 406 -15.03 20.13 -11.44
CA PRO B 406 -13.69 19.84 -11.00
C PRO B 406 -13.73 19.04 -9.69
N ALA B 407 -12.62 18.51 -9.23
CA ALA B 407 -12.52 18.01 -7.84
C ALA B 407 -12.90 19.11 -6.87
N PRO B 408 -13.63 18.80 -5.78
CA PRO B 408 -13.91 19.81 -4.76
C PRO B 408 -12.59 20.35 -4.16
N ARG B 409 -12.54 21.66 -3.96
CA ARG B 409 -11.44 22.35 -3.23
C ARG B 409 -11.99 22.73 -1.85
N THR B 410 -11.83 21.84 -0.88
CA THR B 410 -12.47 21.90 0.46
C THR B 410 -12.10 23.21 1.13
N LEU B 411 -10.89 23.73 0.90
CA LEU B 411 -10.37 24.97 1.55
C LEU B 411 -10.89 26.22 0.85
N LEU B 412 -11.32 26.14 -0.41
CA LEU B 412 -11.69 27.32 -1.22
C LEU B 412 -13.09 27.81 -0.83
N THR B 413 -13.22 29.06 -0.42
CA THR B 413 -14.49 29.65 0.07
C THR B 413 -14.70 31.05 -0.53
N LYS B 414 -13.68 31.64 -1.14
CA LYS B 414 -13.73 33.01 -1.71
C LYS B 414 -13.38 32.96 -3.20
N GLY B 415 -14.34 33.31 -4.07
CA GLY B 415 -14.20 33.34 -5.53
C GLY B 415 -14.55 32.00 -6.14
N THR B 416 -14.77 31.96 -7.45
CA THR B 416 -15.03 30.73 -8.22
C THR B 416 -13.75 30.39 -8.97
N LEU B 417 -13.38 29.12 -8.95
CA LEU B 417 -12.29 28.54 -9.76
C LEU B 417 -12.77 28.31 -11.19
N GLU B 418 -12.27 29.10 -12.16
CA GLU B 418 -12.63 28.94 -13.60
C GLU B 418 -11.98 27.68 -14.18
N PRO B 419 -12.60 27.05 -15.22
CA PRO B 419 -12.09 25.81 -15.81
C PRO B 419 -10.62 25.88 -16.27
N GLU B 420 -10.13 27.02 -16.76
CA GLU B 420 -8.70 27.14 -17.18
C GLU B 420 -7.73 26.96 -16.00
N TYR B 421 -8.21 26.94 -14.76
CA TYR B 421 -7.37 26.75 -13.57
C TYR B 421 -7.66 25.43 -12.85
N PHE B 422 -8.45 24.51 -13.42
CA PHE B 422 -8.76 23.23 -12.73
C PHE B 422 -7.48 22.41 -12.64
N ASN B 423 -6.69 22.39 -13.69
CA ASN B 423 -5.39 21.68 -13.73
C ASN B 423 -4.68 22.05 -15.06
N SER B 424 -3.47 21.58 -15.30
CA SER B 424 -2.65 21.94 -16.50
C SER B 424 -3.36 21.55 -17.81
N VAL B 425 -4.09 20.43 -17.81
CA VAL B 425 -4.77 19.85 -19.00
C VAL B 425 -5.96 20.73 -19.36
N CYS B 426 -6.83 21.04 -18.40
CA CYS B 426 -7.98 21.96 -18.58
C CYS B 426 -7.48 23.35 -18.95
N ARG B 427 -6.33 23.75 -18.42
CA ARG B 427 -5.71 25.04 -18.82
C ARG B 427 -5.41 25.01 -20.34
N LEU B 428 -4.67 24.03 -20.82
CA LEU B 428 -4.44 23.88 -22.28
C LEU B 428 -5.77 23.91 -23.06
N MET B 429 -6.78 23.16 -22.59
CA MET B 429 -8.04 22.96 -23.35
C MET B 429 -8.76 24.31 -23.48
N LYS B 430 -8.67 25.17 -22.48
CA LYS B 430 -9.35 26.49 -22.40
C LYS B 430 -8.51 27.56 -23.11
N THR B 431 -7.18 27.40 -23.19
CA THR B 431 -6.28 28.45 -23.74
C THR B 431 -5.99 28.18 -25.22
N ILE B 432 -5.37 27.04 -25.58
CA ILE B 432 -5.05 26.68 -26.99
C ILE B 432 -6.21 25.87 -27.60
N GLY B 433 -7.18 25.39 -26.80
CA GLY B 433 -8.31 24.55 -27.26
C GLY B 433 -7.97 23.06 -27.18
N PRO B 434 -8.94 22.13 -27.15
CA PRO B 434 -8.55 20.73 -27.13
C PRO B 434 -8.04 20.21 -28.48
N ASP B 435 -7.16 19.23 -28.46
CA ASP B 435 -6.69 18.56 -29.70
C ASP B 435 -7.88 17.92 -30.41
N MET B 436 -8.89 17.46 -29.66
CA MET B 436 -9.98 16.64 -30.22
C MET B 436 -11.29 16.95 -29.50
N PHE B 437 -12.39 17.00 -30.24
CA PHE B 437 -13.69 17.43 -29.71
C PHE B 437 -14.77 16.48 -30.20
N LEU B 438 -15.46 15.79 -29.28
CA LEU B 438 -16.56 14.86 -29.66
C LEU B 438 -17.79 15.74 -29.74
N GLY B 439 -18.18 16.11 -30.99
CA GLY B 439 -19.12 17.20 -31.31
C GLY B 439 -20.58 16.77 -31.38
N THR B 440 -20.93 15.53 -31.08
CA THR B 440 -22.35 15.08 -31.16
C THR B 440 -22.76 14.37 -29.87
N CYS B 441 -23.70 14.96 -29.18
CA CYS B 441 -24.32 14.44 -27.95
C CYS B 441 -25.36 13.41 -28.41
N ARG B 442 -25.22 12.18 -27.98
CA ARG B 442 -26.18 11.09 -28.30
C ARG B 442 -27.31 11.07 -27.26
N ARG B 443 -27.03 11.54 -26.05
CA ARG B 443 -27.89 11.25 -24.88
C ARG B 443 -29.11 12.14 -24.84
N CYS B 444 -28.93 13.45 -25.04
CA CYS B 444 -29.90 14.49 -24.57
C CYS B 444 -30.83 14.97 -25.66
N PRO B 445 -32.13 15.27 -25.35
CA PRO B 445 -33.00 15.98 -26.29
C PRO B 445 -32.36 17.29 -26.76
N ALA B 446 -32.77 17.80 -27.93
CA ALA B 446 -32.12 18.96 -28.58
C ALA B 446 -32.23 20.20 -27.66
N GLU B 447 -33.31 20.35 -26.89
CA GLU B 447 -33.54 21.54 -26.03
C GLU B 447 -32.37 21.68 -25.04
N ILE B 448 -31.97 20.56 -24.46
CA ILE B 448 -30.85 20.50 -23.48
C ILE B 448 -29.56 20.71 -24.28
N VAL B 449 -29.39 20.04 -25.42
CA VAL B 449 -28.10 20.16 -26.18
C VAL B 449 -27.92 21.62 -26.60
N ASP B 450 -28.94 22.24 -27.16
CA ASP B 450 -28.84 23.62 -27.68
C ASP B 450 -28.48 24.58 -26.53
N THR B 451 -29.00 24.34 -25.34
CA THR B 451 -28.79 25.18 -24.14
C THR B 451 -27.32 25.12 -23.83
N VAL B 452 -26.78 23.93 -23.62
CA VAL B 452 -25.41 23.81 -23.07
C VAL B 452 -24.41 24.11 -24.18
N SER B 453 -24.79 23.90 -25.43
CA SER B 453 -23.95 24.26 -26.58
C SER B 453 -23.60 25.75 -26.52
N ALA B 454 -24.62 26.59 -26.42
CA ALA B 454 -24.49 28.05 -26.27
C ALA B 454 -23.84 28.37 -24.93
N LEU B 455 -24.27 27.69 -23.87
CA LEU B 455 -23.86 28.08 -22.49
C LEU B 455 -22.36 27.87 -22.32
N VAL B 456 -21.82 26.71 -22.71
CA VAL B 456 -20.43 26.31 -22.33
C VAL B 456 -19.62 25.75 -23.53
N TYR B 457 -20.20 25.49 -24.70
CA TYR B 457 -19.44 24.81 -25.78
C TYR B 457 -19.23 25.70 -27.01
N ASP B 458 -19.51 27.01 -26.96
CA ASP B 458 -19.26 27.96 -28.09
C ASP B 458 -20.05 27.51 -29.33
N ASN B 459 -21.25 26.98 -29.10
CA ASN B 459 -22.22 26.51 -30.12
C ASN B 459 -21.61 25.42 -30.99
N LYS B 460 -20.64 24.66 -30.48
CA LYS B 460 -20.03 23.56 -31.24
C LYS B 460 -20.67 22.23 -30.87
N LEU B 461 -21.58 22.14 -29.89
CA LEU B 461 -22.19 20.83 -29.57
C LEU B 461 -23.46 20.65 -30.38
N LYS B 462 -23.53 19.56 -31.15
CA LYS B 462 -24.69 19.25 -32.01
C LYS B 462 -25.57 18.18 -31.36
N ALA B 463 -26.88 18.23 -31.58
CA ALA B 463 -27.82 17.23 -31.05
C ALA B 463 -27.98 16.09 -32.06
N HIS B 464 -27.81 14.85 -31.62
CA HIS B 464 -28.28 13.66 -32.39
C HIS B 464 -29.81 13.53 -32.27
N LYS B 465 -30.35 13.53 -31.07
CA LYS B 465 -31.82 13.45 -30.86
C LYS B 465 -32.51 14.73 -31.33
N ASP B 466 -33.81 14.62 -31.59
CA ASP B 466 -34.74 15.77 -31.79
C ASP B 466 -35.16 16.38 -30.43
N LYS B 467 -35.85 17.52 -30.47
CA LYS B 467 -36.54 18.10 -29.30
C LYS B 467 -37.48 17.03 -28.76
N SER B 468 -37.49 16.82 -27.45
CA SER B 468 -38.35 15.83 -26.78
C SER B 468 -39.73 16.45 -26.60
N ALA B 469 -39.80 17.77 -26.53
CA ALA B 469 -40.94 18.57 -26.02
C ALA B 469 -41.22 18.19 -24.57
N GLN B 470 -40.29 17.52 -23.89
CA GLN B 470 -40.46 17.16 -22.46
C GLN B 470 -39.40 17.89 -21.59
N CYS B 471 -39.05 19.10 -22.01
CA CYS B 471 -38.06 19.99 -21.38
C CYS B 471 -38.79 21.26 -20.95
N PHE B 472 -38.97 21.40 -19.64
CA PHE B 472 -39.80 22.42 -18.96
C PHE B 472 -38.98 23.24 -17.97
N LYS B 473 -39.33 24.52 -17.79
CA LYS B 473 -38.71 25.40 -16.78
C LYS B 473 -39.79 26.22 -16.08
N MET B 474 -39.60 26.38 -14.78
N MET B 474 -39.60 26.40 -14.77
CA MET B 474 -40.44 27.28 -13.96
CA MET B 474 -40.46 27.23 -13.90
C MET B 474 -39.52 28.22 -13.20
C MET B 474 -39.55 28.20 -13.14
N PHE B 475 -39.91 29.49 -13.11
CA PHE B 475 -39.18 30.50 -12.34
C PHE B 475 -39.93 30.63 -11.00
N TYR B 476 -39.39 30.06 -9.94
CA TYR B 476 -40.00 30.07 -8.59
C TYR B 476 -38.93 30.18 -7.49
N LYS B 477 -38.84 31.35 -6.85
CA LYS B 477 -37.77 31.61 -5.84
C LYS B 477 -38.06 30.89 -4.53
N GLY B 478 -39.32 30.79 -4.13
CA GLY B 478 -39.68 29.96 -2.96
C GLY B 478 -39.16 30.59 -1.67
N VAL B 479 -38.66 29.77 -0.75
CA VAL B 479 -38.19 30.17 0.60
C VAL B 479 -36.94 29.36 0.85
N ILE B 480 -35.82 30.03 1.10
CA ILE B 480 -34.55 29.32 1.39
C ILE B 480 -34.32 29.29 2.89
N THR B 481 -34.14 28.10 3.44
CA THR B 481 -33.69 27.87 4.82
C THR B 481 -32.27 27.29 4.71
N HIS B 482 -31.44 27.62 5.68
CA HIS B 482 -30.05 27.14 5.81
C HIS B 482 -30.01 26.24 7.02
N ASP B 483 -29.15 25.23 6.98
CA ASP B 483 -28.78 24.44 8.18
C ASP B 483 -27.26 24.53 8.28
N VAL B 484 -26.64 23.64 9.06
CA VAL B 484 -25.19 23.70 9.40
C VAL B 484 -24.34 24.11 8.17
N SER B 485 -24.60 23.58 6.96
CA SER B 485 -23.72 23.77 5.77
C SER B 485 -24.43 23.44 4.44
N SER B 486 -25.72 23.69 4.34
CA SER B 486 -26.50 23.30 3.15
C SER B 486 -27.75 24.20 3.05
N ALA B 487 -28.49 24.08 1.96
CA ALA B 487 -29.69 24.90 1.68
C ALA B 487 -30.90 24.01 1.33
N ILE B 488 -32.08 24.53 1.64
CA ILE B 488 -33.38 23.82 1.53
C ILE B 488 -34.37 24.85 1.01
N ASN B 489 -35.13 24.50 -0.05
CA ASN B 489 -36.24 25.31 -0.63
C ASN B 489 -37.49 24.42 -0.71
N ARG B 490 -38.21 24.31 0.40
CA ARG B 490 -39.42 23.47 0.54
C ARG B 490 -40.48 23.92 -0.48
N PRO B 491 -40.76 25.22 -0.66
CA PRO B 491 -41.72 25.57 -1.73
C PRO B 491 -41.33 25.04 -3.14
N GLN B 492 -40.04 24.97 -3.48
CA GLN B 492 -39.64 24.43 -4.81
C GLN B 492 -39.98 22.95 -4.85
N ILE B 493 -39.80 22.25 -3.72
CA ILE B 493 -40.17 20.82 -3.62
C ILE B 493 -41.69 20.74 -3.69
N GLY B 494 -42.42 21.64 -3.01
CA GLY B 494 -43.88 21.71 -3.09
C GLY B 494 -44.33 21.84 -4.55
N VAL B 495 -43.74 22.77 -5.31
CA VAL B 495 -44.03 22.95 -6.76
C VAL B 495 -43.78 21.60 -7.46
N VAL B 496 -42.71 20.89 -7.14
CA VAL B 496 -42.45 19.57 -7.80
C VAL B 496 -43.60 18.60 -7.43
N ARG B 497 -44.06 18.61 -6.19
CA ARG B 497 -45.12 17.69 -5.70
C ARG B 497 -46.39 17.92 -6.49
N GLU B 498 -46.74 19.17 -6.77
CA GLU B 498 -47.96 19.55 -7.53
C GLU B 498 -47.76 19.16 -9.00
N PHE B 499 -46.56 19.35 -9.56
CA PHE B 499 -46.26 18.93 -10.95
C PHE B 499 -46.42 17.41 -11.05
N LEU B 500 -46.00 16.65 -10.03
CA LEU B 500 -46.03 15.18 -10.12
C LEU B 500 -47.50 14.69 -10.03
N THR B 501 -48.38 15.44 -9.34
CA THR B 501 -49.81 15.05 -9.17
C THR B 501 -50.48 15.19 -10.54
N ARG B 502 -50.12 16.21 -11.30
CA ARG B 502 -50.63 16.44 -12.66
C ARG B 502 -49.83 15.69 -13.74
N ASN B 503 -48.71 15.02 -13.43
CA ASN B 503 -47.79 14.45 -14.45
C ASN B 503 -47.18 13.18 -13.89
N PRO B 504 -48.00 12.21 -13.45
CA PRO B 504 -47.51 10.98 -12.80
C PRO B 504 -46.52 10.11 -13.57
N ALA B 505 -46.46 10.24 -14.91
CA ALA B 505 -45.36 9.63 -15.71
C ALA B 505 -44.01 10.05 -15.12
N TRP B 506 -43.91 11.28 -14.63
CA TRP B 506 -42.63 11.83 -14.12
C TRP B 506 -42.24 11.23 -12.77
N ARG B 507 -43.07 10.38 -12.17
CA ARG B 507 -42.77 9.68 -10.90
C ARG B 507 -41.62 8.69 -11.14
N LYS B 508 -41.17 8.49 -12.37
CA LYS B 508 -39.90 7.73 -12.57
C LYS B 508 -38.68 8.69 -12.69
N ALA B 509 -38.85 10.00 -12.55
CA ALA B 509 -37.73 10.97 -12.59
C ALA B 509 -36.75 10.78 -11.42
N VAL B 510 -35.49 11.10 -11.66
CA VAL B 510 -34.45 11.33 -10.61
C VAL B 510 -34.56 12.78 -10.21
N PHE B 511 -34.43 13.05 -8.92
CA PHE B 511 -34.46 14.41 -8.35
C PHE B 511 -33.00 14.88 -8.23
N ILE B 512 -32.74 16.07 -8.73
CA ILE B 512 -31.37 16.65 -8.63
C ILE B 512 -31.46 18.07 -8.09
N SER B 513 -30.53 18.40 -7.20
CA SER B 513 -30.30 19.76 -6.66
C SER B 513 -28.82 19.96 -6.37
N PRO B 514 -28.36 21.21 -6.21
CA PRO B 514 -26.99 21.46 -5.81
C PRO B 514 -26.73 21.25 -4.31
N TYR B 515 -27.69 20.77 -3.51
CA TYR B 515 -27.57 20.66 -2.02
C TYR B 515 -28.14 19.33 -1.53
N ASN B 516 -27.33 18.68 -0.71
CA ASN B 516 -27.63 17.38 -0.05
C ASN B 516 -28.83 17.55 0.89
N SER B 517 -29.00 18.69 1.57
CA SER B 517 -30.13 18.91 2.49
C SER B 517 -31.42 18.99 1.68
N GLN B 518 -31.41 19.77 0.62
CA GLN B 518 -32.52 19.84 -0.36
C GLN B 518 -32.90 18.41 -0.78
N ASN B 519 -31.94 17.63 -1.22
CA ASN B 519 -32.11 16.19 -1.59
C ASN B 519 -32.78 15.40 -0.46
N ALA B 520 -32.41 15.61 0.80
CA ALA B 520 -32.89 14.78 1.95
C ALA B 520 -34.39 15.05 2.16
N VAL B 521 -34.76 16.33 2.08
CA VAL B 521 -36.17 16.79 2.20
C VAL B 521 -36.96 16.27 0.98
N ALA B 522 -36.45 16.49 -0.25
CA ALA B 522 -37.04 16.00 -1.51
C ALA B 522 -37.28 14.48 -1.43
N SER B 523 -36.34 13.73 -0.90
CA SER B 523 -36.43 12.25 -0.84
C SER B 523 -37.63 11.77 -0.01
N LYS B 524 -37.98 12.49 1.05
CA LYS B 524 -39.06 12.14 2.00
C LYS B 524 -40.41 12.58 1.41
N ILE B 525 -40.47 13.79 0.89
CA ILE B 525 -41.73 14.40 0.34
C ILE B 525 -42.08 13.78 -1.02
N LEU B 526 -41.11 13.44 -1.86
CA LEU B 526 -41.36 13.02 -3.26
C LEU B 526 -41.16 11.51 -3.40
N GLY B 527 -40.20 10.95 -2.69
CA GLY B 527 -39.79 9.54 -2.83
C GLY B 527 -39.12 9.25 -4.16
N LEU B 528 -38.77 10.29 -4.92
CA LEU B 528 -37.91 10.14 -6.11
C LEU B 528 -36.54 9.74 -5.60
N PRO B 529 -35.71 9.00 -6.37
CA PRO B 529 -34.31 8.83 -6.03
C PRO B 529 -33.66 10.22 -6.20
N THR B 530 -32.61 10.49 -5.43
CA THR B 530 -31.95 11.81 -5.41
C THR B 530 -30.43 11.65 -5.58
N GLN B 531 -29.82 12.67 -6.18
CA GLN B 531 -28.37 12.87 -6.43
C GLN B 531 -28.07 14.37 -6.33
N THR B 532 -26.92 14.74 -5.80
CA THR B 532 -26.38 16.11 -5.99
C THR B 532 -25.86 16.18 -7.43
N VAL B 533 -25.76 17.38 -7.97
CA VAL B 533 -25.20 17.56 -9.33
C VAL B 533 -23.86 16.83 -9.33
N ASP B 534 -23.06 17.06 -8.29
CA ASP B 534 -21.66 16.56 -8.21
C ASP B 534 -21.71 15.04 -8.32
N SER B 535 -22.60 14.36 -7.60
CA SER B 535 -22.63 12.86 -7.59
C SER B 535 -23.33 12.29 -8.84
N SER B 536 -24.05 13.11 -9.63
CA SER B 536 -24.76 12.70 -10.88
C SER B 536 -23.83 12.65 -12.11
N GLN B 537 -22.74 13.41 -12.09
CA GLN B 537 -21.71 13.50 -13.16
C GLN B 537 -21.29 12.08 -13.56
N GLY B 538 -21.37 11.77 -14.85
CA GLY B 538 -21.12 10.42 -15.40
C GLY B 538 -22.35 9.52 -15.42
N SER B 539 -23.51 9.95 -14.91
CA SER B 539 -24.78 9.17 -14.93
C SER B 539 -25.79 9.79 -15.89
N GLU B 540 -26.80 9.02 -16.28
CA GLU B 540 -27.92 9.49 -17.12
C GLU B 540 -29.22 8.89 -16.62
N TYR B 541 -30.31 9.62 -16.81
CA TYR B 541 -31.67 9.19 -16.46
C TYR B 541 -32.62 9.70 -17.55
N ASP B 542 -33.73 9.01 -17.79
CA ASP B 542 -34.75 9.42 -18.78
C ASP B 542 -35.31 10.79 -18.37
N TYR B 543 -35.69 10.90 -17.11
CA TYR B 543 -36.37 12.08 -16.54
C TYR B 543 -35.61 12.60 -15.32
N VAL B 544 -35.47 13.91 -15.29
CA VAL B 544 -34.68 14.63 -14.27
C VAL B 544 -35.59 15.76 -13.79
N ILE B 545 -35.80 15.84 -12.49
CA ILE B 545 -36.37 17.03 -11.82
C ILE B 545 -35.26 17.71 -11.03
N PHE B 546 -35.01 18.95 -11.40
CA PHE B 546 -33.93 19.80 -10.85
C PHE B 546 -34.57 21.00 -10.17
N THR B 547 -34.29 21.19 -8.90
CA THR B 547 -34.63 22.41 -8.13
C THR B 547 -33.31 23.13 -7.85
N GLN B 548 -33.14 24.33 -8.39
CA GLN B 548 -31.89 25.11 -8.19
C GLN B 548 -31.67 25.39 -6.70
N THR B 549 -32.76 25.54 -5.92
CA THR B 549 -32.81 25.73 -4.43
C THR B 549 -32.50 27.19 -4.06
N THR B 550 -31.33 27.71 -4.47
CA THR B 550 -30.83 29.08 -4.17
C THR B 550 -30.37 29.78 -5.45
N GLU B 551 -30.11 31.09 -5.38
CA GLU B 551 -29.42 31.86 -6.45
C GLU B 551 -28.02 32.22 -6.00
N THR B 552 -27.20 31.25 -5.62
CA THR B 552 -25.81 31.45 -5.12
C THR B 552 -24.82 31.29 -6.28
N ALA B 553 -23.55 31.60 -6.01
CA ALA B 553 -22.41 31.31 -6.88
C ALA B 553 -22.32 29.78 -7.06
N HIS B 554 -22.59 29.03 -5.99
CA HIS B 554 -22.62 27.54 -6.02
C HIS B 554 -23.71 27.03 -6.98
N SER B 555 -24.96 27.46 -6.87
CA SER B 555 -26.08 26.92 -7.67
C SER B 555 -26.14 27.56 -9.07
N CYS B 556 -25.34 28.58 -9.35
CA CYS B 556 -25.34 29.29 -10.65
C CYS B 556 -24.07 28.92 -11.41
N ASN B 557 -23.19 28.13 -10.81
CA ASN B 557 -21.94 27.69 -11.48
C ASN B 557 -22.33 27.05 -12.83
N VAL B 558 -21.80 27.52 -13.95
CA VAL B 558 -22.20 27.06 -15.31
C VAL B 558 -21.78 25.60 -15.50
N ASN B 559 -20.66 25.15 -14.93
CA ASN B 559 -20.27 23.73 -15.06
C ASN B 559 -21.19 22.80 -14.28
N ARG B 560 -21.70 23.24 -13.14
CA ARG B 560 -22.68 22.49 -12.32
C ARG B 560 -23.99 22.48 -13.09
N PHE B 561 -24.40 23.62 -13.63
CA PHE B 561 -25.68 23.74 -14.36
C PHE B 561 -25.67 22.82 -15.59
N ASN B 562 -24.55 22.82 -16.35
CA ASN B 562 -24.24 21.94 -17.49
C ASN B 562 -24.39 20.47 -17.06
N VAL B 563 -23.68 20.02 -16.02
CA VAL B 563 -23.76 18.60 -15.55
C VAL B 563 -25.24 18.28 -15.20
N ALA B 564 -25.89 19.20 -14.50
CA ALA B 564 -27.25 19.01 -13.92
C ALA B 564 -28.19 18.60 -15.06
N ILE B 565 -28.34 19.48 -16.06
CA ILE B 565 -29.38 19.32 -17.12
C ILE B 565 -29.00 18.26 -18.16
N THR B 566 -27.73 17.93 -18.37
CA THR B 566 -27.31 16.94 -19.38
C THR B 566 -27.33 15.50 -18.82
N ARG B 567 -27.88 15.26 -17.62
CA ARG B 567 -28.14 13.89 -17.11
C ARG B 567 -29.39 13.29 -17.79
N ALA B 568 -30.22 14.12 -18.43
CA ALA B 568 -31.57 13.74 -18.90
C ALA B 568 -31.50 13.19 -20.33
N LYS B 569 -31.93 11.95 -20.52
CA LYS B 569 -32.10 11.33 -21.87
C LYS B 569 -33.41 11.75 -22.56
N VAL B 570 -34.49 11.98 -21.81
CA VAL B 570 -35.82 12.22 -22.46
C VAL B 570 -36.44 13.55 -22.01
N GLY B 571 -36.62 13.70 -20.71
CA GLY B 571 -37.30 14.88 -20.13
C GLY B 571 -36.58 15.47 -18.95
N ILE B 572 -36.85 16.74 -18.72
CA ILE B 572 -36.29 17.48 -17.55
C ILE B 572 -37.28 18.56 -17.15
N LEU B 573 -37.46 18.76 -15.84
CA LEU B 573 -38.23 19.93 -15.30
C LEU B 573 -37.21 20.76 -14.53
N CYS B 574 -36.99 22.03 -14.85
CA CYS B 574 -36.10 22.88 -14.01
C CYS B 574 -36.91 23.93 -13.23
N ILE B 575 -36.89 23.82 -11.91
CA ILE B 575 -37.39 24.87 -10.98
C ILE B 575 -36.20 25.78 -10.69
N MET B 576 -36.21 27.01 -11.20
CA MET B 576 -35.05 27.93 -11.18
C MET B 576 -35.26 29.04 -10.16
N SER B 577 -34.18 29.42 -9.50
CA SER B 577 -34.09 30.58 -8.60
C SER B 577 -33.54 31.77 -9.40
N ASP B 578 -32.59 31.48 -10.29
CA ASP B 578 -31.75 32.47 -10.98
C ASP B 578 -32.45 32.85 -12.29
N ARG B 579 -32.81 34.12 -12.43
CA ARG B 579 -33.38 34.68 -13.69
C ARG B 579 -32.42 34.45 -14.85
N ASP B 580 -31.11 34.63 -14.63
CA ASP B 580 -30.09 34.53 -15.73
C ASP B 580 -30.19 33.14 -16.38
N LEU B 581 -29.85 32.08 -15.66
CA LEU B 581 -29.86 30.68 -16.14
C LEU B 581 -31.28 30.27 -16.57
N TYR B 582 -32.35 30.79 -15.95
CA TYR B 582 -33.72 30.48 -16.37
C TYR B 582 -33.92 30.96 -17.80
N ASP B 583 -33.45 32.17 -18.08
CA ASP B 583 -33.63 32.88 -19.37
C ASP B 583 -32.80 32.19 -20.45
N LYS B 584 -31.72 31.50 -20.04
CA LYS B 584 -30.82 30.72 -20.93
C LYS B 584 -31.38 29.31 -21.24
N LEU B 585 -32.25 28.75 -20.39
CA LEU B 585 -32.82 27.39 -20.66
C LEU B 585 -33.72 27.48 -21.90
N GLN B 586 -33.46 26.68 -22.93
CA GLN B 586 -34.27 26.72 -24.19
C GLN B 586 -35.41 25.71 -24.03
N PHE B 587 -36.22 25.94 -23.01
CA PHE B 587 -37.19 24.98 -22.44
C PHE B 587 -38.53 25.68 -22.54
N THR B 588 -39.58 24.88 -22.51
CA THR B 588 -40.97 25.36 -22.42
C THR B 588 -41.18 25.88 -21.01
N SER B 589 -41.62 27.13 -20.87
CA SER B 589 -41.88 27.74 -19.54
C SER B 589 -43.26 27.31 -19.07
N LEU B 590 -43.37 26.91 -17.80
CA LEU B 590 -44.65 26.55 -17.13
C LEU B 590 -45.03 27.67 -16.16
N GLU B 591 -46.30 28.10 -16.11
CA GLU B 591 -46.79 29.07 -15.10
C GLU B 591 -46.78 28.34 -13.75
N ILE B 592 -46.68 29.09 -12.64
CA ILE B 592 -46.73 28.52 -11.25
C ILE B 592 -48.20 28.39 -10.86
N PRO B 593 -48.66 27.22 -10.36
CA PRO B 593 -50.02 27.11 -9.82
C PRO B 593 -50.21 27.84 -8.47
#